data_4WV1
#
_entry.id   4WV1
#
_cell.length_a   76.087
_cell.length_b   181.239
_cell.length_c   94.427
_cell.angle_alpha   90.00
_cell.angle_beta   113.72
_cell.angle_gamma   90.00
#
_symmetry.space_group_name_H-M   'C 1 2 1'
#
loop_
_entity.id
_entity.type
_entity.pdbx_description
1 polymer 'Fibroblast growth factor receptor 2'
2 polymer 'Fab heavy chain'
3 polymer 'Fab light chain'
4 water water
#
loop_
_entity_poly.entity_id
_entity_poly.type
_entity_poly.pdbx_seq_one_letter_code
_entity_poly.pdbx_strand_id
1 'polypeptide(L)'
;APYWTNTEKMEKRLHAVPAANTVKFRCPAGGNPMPTMRWLKNGKEFKQEHRIGGYKVRNQHWSLIMESVVPSDKGNYTCV
VENEYGSINHTYHLDVVER
;
F,C
2 'polypeptide(L)'
;EVQLVESGGGLVQPGGSLRLSCAASGFTFTSTGISWVRQAPGKGLEWVGRTHLGDGSTNYADSVKGRFTISADTSKNTAY
LQMNSLRAEDTAVYYCARTYGIYDLYVDYTEYVMDYWGQGTLVTVSSASTKGPSVFPLAPSSKSTSGGTAALGCLVKDYF
PEPVTVSWNSGALTSGVHTFPAVLQSSGLYSLSSVVTVPSSSLGTQTYICNVNHKPSNTKVDKKVEPKSC
;
B,E
3 'polypeptide(L)'
;DIQMTQSPSSLSASVGDRVTITCRASQDVDTSLAWYKQKPGKAPKLLIYSASFLYSGVPSRFSGSGSGTDFTLTISSLQP
EDFATYYCQQSTGHPQTFGQGTKVEIKRTVAAPSVFIFPPSDEQLKSGTASVVCLLNNFYPREAKVQWKVDNALQSGNSQ
ESVTEQDSKDSTYSLSSTLTLSKADYEKHKVYACEVTHQGLSSPVTKSFNRGEC
;
A,D
#
# COMPACT_ATOMS: atom_id res chain seq x y z
N PRO A 2 -33.09 28.14 -16.73
CA PRO A 2 -32.81 27.40 -15.50
C PRO A 2 -33.45 28.08 -14.28
N TYR A 3 -33.63 27.33 -13.21
CA TYR A 3 -34.47 27.76 -12.10
C TYR A 3 -34.13 26.99 -10.81
N TRP A 4 -34.16 27.69 -9.67
CA TRP A 4 -33.91 27.04 -8.39
C TRP A 4 -34.99 26.00 -8.12
N THR A 5 -34.59 24.81 -7.70
CA THR A 5 -35.56 23.76 -7.40
C THR A 5 -36.29 24.04 -6.07
N ASN A 6 -35.56 24.63 -5.12
CA ASN A 6 -36.07 24.88 -3.78
C ASN A 6 -35.72 26.30 -3.34
N THR A 7 -36.45 27.27 -3.88
CA THR A 7 -36.06 28.67 -3.80
C THR A 7 -36.12 29.24 -2.39
N GLU A 8 -36.65 28.45 -1.47
CA GLU A 8 -36.89 28.88 -0.10
C GLU A 8 -35.66 28.60 0.76
N LYS A 9 -34.96 27.52 0.43
CA LYS A 9 -33.67 27.23 1.04
C LYS A 9 -32.59 28.12 0.44
N MET A 10 -32.82 28.56 -0.79
CA MET A 10 -31.87 29.40 -1.54
C MET A 10 -31.99 30.87 -1.11
N GLU A 11 -32.75 31.14 -0.06
CA GLU A 11 -32.83 32.49 0.47
C GLU A 11 -31.80 32.66 1.57
N LYS A 12 -31.47 31.55 2.21
CA LYS A 12 -30.40 31.49 3.19
C LYS A 12 -29.10 32.03 2.56
N ARG A 13 -28.36 32.85 3.30
CA ARG A 13 -27.14 33.41 2.74
C ARG A 13 -25.94 33.36 3.71
N LEU A 14 -26.18 33.66 4.99
CA LEU A 14 -25.09 33.59 5.99
C LEU A 14 -24.88 32.17 6.50
N HIS A 15 -23.63 31.71 6.40
CA HIS A 15 -23.19 30.37 6.82
C HIS A 15 -21.97 30.51 7.72
N ALA A 16 -22.04 29.97 8.93
CA ALA A 16 -20.86 29.95 9.79
C ALA A 16 -20.48 28.51 10.03
N VAL A 17 -19.18 28.19 10.03
CA VAL A 17 -18.76 26.82 10.33
C VAL A 17 -17.43 26.82 11.10
N PRO A 18 -17.26 25.84 12.00
CA PRO A 18 -16.04 25.80 12.82
C PRO A 18 -14.84 25.39 11.99
N ALA A 19 -13.66 25.84 12.40
CA ALA A 19 -12.44 25.52 11.67
C ALA A 19 -12.19 24.02 11.68
N ALA A 20 -11.55 23.55 10.63
CA ALA A 20 -11.13 22.15 10.49
C ALA A 20 -12.29 21.21 10.24
N ASN A 21 -13.45 21.76 9.93
CA ASN A 21 -14.58 20.93 9.49
C ASN A 21 -14.86 21.21 8.02
N THR A 22 -15.93 20.63 7.48
CA THR A 22 -16.23 20.80 6.06
C THR A 22 -17.44 21.72 5.81
N VAL A 23 -17.31 22.64 4.86
CA VAL A 23 -18.42 23.47 4.39
C VAL A 23 -18.98 22.89 3.13
N LYS A 24 -20.29 22.82 3.03
CA LYS A 24 -20.92 22.34 1.82
C LYS A 24 -21.96 23.37 1.39
N PHE A 25 -21.89 23.78 0.13
CA PHE A 25 -22.85 24.70 -0.49
C PHE A 25 -23.62 24.03 -1.63
N ARG A 26 -24.94 24.13 -1.61
CA ARG A 26 -25.77 23.56 -2.68
C ARG A 26 -26.52 24.65 -3.45
N CYS A 27 -26.77 24.39 -4.75
CA CYS A 27 -27.59 25.29 -5.58
C CYS A 27 -28.37 24.51 -6.63
N PRO A 28 -29.23 23.58 -6.18
CA PRO A 28 -29.89 22.64 -7.10
C PRO A 28 -30.82 23.31 -8.11
N ALA A 29 -30.79 22.84 -9.36
CA ALA A 29 -31.52 23.48 -10.45
C ALA A 29 -31.94 22.49 -11.57
N GLY A 30 -32.76 22.98 -12.51
CA GLY A 30 -33.12 22.28 -13.73
C GLY A 30 -33.22 23.38 -14.78
N GLY A 31 -33.25 23.07 -16.08
CA GLY A 31 -33.42 24.15 -17.06
C GLY A 31 -33.52 24.04 -18.58
N ASN A 32 -33.73 22.84 -19.14
CA ASN A 32 -33.85 22.58 -20.61
C ASN A 32 -32.95 23.45 -21.53
N PRO A 33 -31.76 22.93 -21.89
CA PRO A 33 -31.22 21.63 -21.47
C PRO A 33 -30.58 21.73 -20.09
N MET A 34 -30.32 20.58 -19.47
CA MET A 34 -29.77 20.52 -18.11
C MET A 34 -28.52 21.38 -17.97
N PRO A 35 -28.67 22.51 -17.24
CA PRO A 35 -27.64 23.55 -17.08
C PRO A 35 -26.36 23.03 -16.43
N THR A 36 -25.29 23.79 -16.57
CA THR A 36 -24.04 23.45 -15.91
C THR A 36 -23.84 24.46 -14.79
N MET A 37 -22.92 24.17 -13.88
CA MET A 37 -22.73 25.07 -12.75
C MET A 37 -21.27 25.41 -12.54
N ARG A 38 -20.99 26.70 -12.37
CA ARG A 38 -19.67 27.18 -12.00
C ARG A 38 -19.73 28.02 -10.71
N TRP A 39 -18.58 28.16 -10.04
CA TRP A 39 -18.53 28.81 -8.73
C TRP A 39 -17.60 30.03 -8.73
N LEU A 40 -18.00 31.05 -7.98
CA LEU A 40 -17.23 32.29 -7.87
C LEU A 40 -16.89 32.50 -6.42
N LYS A 41 -15.73 33.10 -6.15
CA LYS A 41 -15.36 33.48 -4.80
C LYS A 41 -15.05 34.98 -4.72
N ASN A 42 -15.85 35.72 -3.93
CA ASN A 42 -15.75 37.19 -3.85
C ASN A 42 -15.83 37.90 -5.21
N GLY A 43 -16.69 37.39 -6.09
CA GLY A 43 -16.82 37.91 -7.45
C GLY A 43 -16.00 37.14 -8.47
N LYS A 44 -14.77 36.77 -8.10
CA LYS A 44 -13.85 36.12 -9.03
C LYS A 44 -14.11 34.63 -9.14
N GLU A 45 -13.78 34.05 -10.30
CA GLU A 45 -13.91 32.61 -10.51
C GLU A 45 -13.17 31.80 -9.45
N PHE A 46 -13.84 30.84 -8.85
CA PHE A 46 -13.22 29.97 -7.86
C PHE A 46 -12.44 28.84 -8.55
N LYS A 47 -11.14 28.82 -8.35
CA LYS A 47 -10.28 27.83 -9.01
C LYS A 47 -9.55 26.99 -7.95
N GLN A 48 -9.13 25.77 -8.33
CA GLN A 48 -8.55 24.82 -7.39
C GLN A 48 -7.35 25.32 -6.57
N GLU A 49 -6.58 26.27 -7.10
CA GLU A 49 -5.37 26.68 -6.40
C GLU A 49 -5.66 27.86 -5.46
N HIS A 50 -6.91 28.31 -5.45
CA HIS A 50 -7.31 29.46 -4.63
C HIS A 50 -7.31 29.17 -3.12
N ARG A 51 -7.36 27.89 -2.73
CA ARG A 51 -7.21 27.50 -1.32
C ARG A 51 -6.36 26.23 -1.25
N ILE A 52 -5.79 25.95 -0.08
CA ILE A 52 -4.81 24.86 0.04
C ILE A 52 -5.42 23.48 -0.29
N GLY A 53 -6.53 23.14 0.33
CA GLY A 53 -7.11 21.85 0.08
C GLY A 53 -7.66 21.69 -1.33
N GLY A 54 -7.89 22.80 -2.01
CA GLY A 54 -8.61 22.79 -3.27
C GLY A 54 -10.08 22.76 -2.92
N TYR A 55 -10.92 22.26 -3.82
CA TYR A 55 -12.33 22.06 -3.51
C TYR A 55 -12.90 20.94 -4.34
N LYS A 56 -13.88 20.23 -3.76
CA LYS A 56 -14.52 19.11 -4.43
C LYS A 56 -15.92 19.49 -4.87
N VAL A 57 -16.47 18.76 -5.82
CA VAL A 57 -17.84 19.00 -6.29
C VAL A 57 -18.58 17.70 -6.47
N ARG A 58 -19.91 17.77 -6.44
CA ARG A 58 -20.74 16.67 -6.91
C ARG A 58 -21.89 17.28 -7.70
N ASN A 59 -21.66 17.49 -9.00
CA ASN A 59 -22.63 18.14 -9.90
C ASN A 59 -24.01 17.52 -9.80
N GLN A 60 -24.00 16.20 -9.67
CA GLN A 60 -25.21 15.39 -9.63
C GLN A 60 -26.02 15.69 -8.37
N HIS A 61 -25.47 16.51 -7.48
CA HIS A 61 -26.20 16.93 -6.30
C HIS A 61 -25.94 18.42 -6.09
N TRP A 62 -25.45 19.06 -7.15
CA TRP A 62 -25.31 20.52 -7.29
C TRP A 62 -24.55 21.23 -6.17
N SER A 63 -23.43 20.65 -5.76
CA SER A 63 -22.75 21.12 -4.54
C SER A 63 -21.26 21.42 -4.67
N LEU A 64 -20.86 22.53 -4.06
CA LEU A 64 -19.45 22.85 -3.82
C LEU A 64 -19.03 22.44 -2.40
N ILE A 65 -17.86 21.81 -2.27
CA ILE A 65 -17.41 21.33 -0.98
C ILE A 65 -15.98 21.77 -0.66
N MET A 66 -15.78 22.24 0.57
CA MET A 66 -14.47 22.63 1.05
C MET A 66 -14.17 21.94 2.38
N GLU A 67 -13.19 21.05 2.38
CA GLU A 67 -12.75 20.35 3.59
C GLU A 67 -11.70 21.16 4.34
N SER A 68 -11.58 20.89 5.66
CA SER A 68 -10.57 21.54 6.52
C SER A 68 -10.59 23.06 6.43
N VAL A 69 -11.67 23.70 6.85
CA VAL A 69 -11.77 25.13 6.59
C VAL A 69 -10.86 25.91 7.52
N VAL A 70 -10.35 27.01 6.99
CA VAL A 70 -9.39 27.85 7.69
C VAL A 70 -9.97 29.25 7.59
N PRO A 71 -9.68 30.11 8.59
CA PRO A 71 -10.21 31.47 8.69
C PRO A 71 -10.10 32.28 7.39
N SER A 72 -9.17 31.91 6.52
CA SER A 72 -9.02 32.57 5.24
C SER A 72 -10.03 32.09 4.19
N ASP A 73 -10.83 31.07 4.53
CA ASP A 73 -11.85 30.65 3.57
C ASP A 73 -13.05 31.60 3.66
N LYS A 74 -13.00 32.52 4.62
CA LYS A 74 -14.00 33.57 4.80
C LYS A 74 -14.26 34.25 3.46
N GLY A 75 -15.49 34.69 3.23
CA GLY A 75 -15.80 35.37 1.98
C GLY A 75 -17.15 35.04 1.39
N ASN A 76 -17.37 35.46 0.15
CA ASN A 76 -18.63 35.20 -0.53
C ASN A 76 -18.45 34.14 -1.60
N TYR A 77 -19.35 33.18 -1.61
CA TYR A 77 -19.27 32.12 -2.61
C TYR A 77 -20.55 32.17 -3.45
N THR A 78 -20.41 32.11 -4.77
CA THR A 78 -21.55 32.33 -5.66
C THR A 78 -21.68 31.26 -6.75
N CYS A 79 -22.78 30.52 -6.75
CA CYS A 79 -23.02 29.54 -7.83
C CYS A 79 -23.72 30.19 -9.04
N VAL A 80 -23.19 29.92 -10.22
CA VAL A 80 -23.77 30.40 -11.46
C VAL A 80 -24.28 29.19 -12.22
N VAL A 81 -25.56 29.21 -12.59
CA VAL A 81 -26.17 28.11 -13.32
C VAL A 81 -26.63 28.57 -14.69
N GLU A 82 -26.01 28.02 -15.74
CA GLU A 82 -26.23 28.49 -17.11
C GLU A 82 -26.70 27.38 -18.05
N ASN A 83 -27.67 27.72 -18.89
CA ASN A 83 -28.00 26.93 -20.07
C ASN A 83 -28.01 27.85 -21.30
N GLU A 84 -28.52 27.34 -22.42
CA GLU A 84 -28.57 28.11 -23.67
C GLU A 84 -29.47 29.34 -23.54
N TYR A 85 -30.28 29.39 -22.49
CA TYR A 85 -31.38 30.35 -22.44
C TYR A 85 -31.39 31.23 -21.19
N GLY A 86 -30.37 31.13 -20.34
CA GLY A 86 -30.30 31.99 -19.17
C GLY A 86 -29.40 31.58 -18.01
N SER A 87 -29.05 32.56 -17.18
CA SER A 87 -28.14 32.38 -16.06
C SER A 87 -28.72 32.87 -14.73
N ILE A 88 -28.67 32.00 -13.72
CA ILE A 88 -29.16 32.33 -12.37
C ILE A 88 -27.98 32.37 -11.38
N ASN A 89 -28.21 33.07 -10.28
CA ASN A 89 -27.14 33.66 -9.48
C ASN A 89 -27.45 33.62 -7.98
N HIS A 90 -26.60 32.94 -7.20
CA HIS A 90 -26.78 32.99 -5.74
C HIS A 90 -25.50 33.04 -4.90
N THR A 91 -25.51 33.87 -3.87
CA THR A 91 -24.34 34.06 -3.02
C THR A 91 -24.57 33.56 -1.59
N TYR A 92 -23.68 32.70 -1.12
CA TYR A 92 -23.62 32.37 0.29
C TYR A 92 -22.47 33.14 0.93
N HIS A 93 -22.66 33.58 2.16
CA HIS A 93 -21.55 34.19 2.87
C HIS A 93 -21.02 33.25 3.94
N LEU A 94 -19.75 32.91 3.82
CA LEU A 94 -19.09 31.99 4.73
C LEU A 94 -18.30 32.72 5.82
N ASP A 95 -18.57 32.34 7.06
CA ASP A 95 -17.87 32.84 8.23
C ASP A 95 -17.23 31.64 8.95
N VAL A 96 -16.08 31.84 9.60
CA VAL A 96 -15.41 30.74 10.29
C VAL A 96 -15.28 31.01 11.79
N VAL A 97 -15.80 30.11 12.61
CA VAL A 97 -15.88 30.28 14.06
C VAL A 97 -14.67 29.68 14.80
N GLU A 98 -14.24 30.33 15.88
CA GLU A 98 -13.15 29.89 16.75
C GLU A 98 -13.50 30.23 18.23
N ARG A 99 -12.89 29.62 19.25
CA ARG A 99 -11.89 28.52 19.26
C ARG A 99 -11.98 27.44 18.17
N PRO B 2 2.40 -41.76 -20.83
CA PRO B 2 3.15 -40.51 -20.74
C PRO B 2 4.65 -40.73 -20.91
N TYR B 3 5.38 -39.68 -21.27
CA TYR B 3 6.73 -39.85 -21.77
C TYR B 3 7.56 -38.57 -21.62
N TRP B 4 8.83 -38.72 -21.26
CA TRP B 4 9.72 -37.57 -21.17
C TRP B 4 9.87 -36.91 -22.52
N THR B 5 9.75 -35.59 -22.55
CA THR B 5 9.93 -34.86 -23.80
C THR B 5 11.42 -34.78 -24.17
N ASN B 6 12.28 -34.70 -23.17
CA ASN B 6 13.72 -34.56 -23.40
C ASN B 6 14.52 -35.47 -22.47
N THR B 7 14.58 -36.75 -22.82
CA THR B 7 15.03 -37.79 -21.89
C THR B 7 16.50 -37.74 -21.53
N GLU B 8 17.26 -36.87 -22.19
CA GLU B 8 18.71 -36.80 -21.99
C GLU B 8 19.04 -35.82 -20.89
N LYS B 9 18.20 -34.78 -20.77
CA LYS B 9 18.29 -33.84 -19.68
C LYS B 9 17.77 -34.51 -18.42
N MET B 10 16.87 -35.47 -18.63
CA MET B 10 16.24 -36.19 -17.52
C MET B 10 17.16 -37.30 -17.02
N GLU B 11 18.40 -37.29 -17.49
CA GLU B 11 19.40 -38.23 -16.99
C GLU B 11 20.15 -37.63 -15.83
N LYS B 12 20.27 -36.30 -15.87
CA LYS B 12 20.88 -35.54 -14.78
C LYS B 12 20.18 -35.85 -13.47
N ARG B 13 20.95 -36.06 -12.41
CA ARG B 13 20.33 -36.41 -11.14
C ARG B 13 20.90 -35.61 -9.97
N LEU B 14 22.22 -35.40 -9.93
CA LEU B 14 22.83 -34.63 -8.84
C LEU B 14 22.75 -33.11 -9.10
N HIS B 15 22.20 -32.40 -8.13
CA HIS B 15 22.04 -30.94 -8.22
C HIS B 15 22.56 -30.29 -6.94
N ALA B 16 23.51 -29.37 -7.08
CA ALA B 16 23.98 -28.61 -5.93
C ALA B 16 23.65 -27.14 -6.18
N VAL B 17 23.25 -26.42 -5.13
CA VAL B 17 22.97 -24.99 -5.25
C VAL B 17 23.33 -24.26 -3.95
N PRO B 18 23.78 -23.00 -4.06
CA PRO B 18 24.19 -22.23 -2.89
C PRO B 18 23.01 -21.80 -2.04
N ALA B 19 23.24 -21.63 -0.74
CA ALA B 19 22.18 -21.24 0.18
C ALA B 19 21.62 -19.86 -0.17
N ALA B 20 20.35 -19.67 0.11
CA ALA B 20 19.65 -18.40 -0.08
C ALA B 20 19.38 -18.09 -1.56
N ASN B 21 19.60 -19.08 -2.43
CA ASN B 21 19.21 -18.92 -3.83
C ASN B 21 18.01 -19.81 -4.16
N THR B 22 17.61 -19.86 -5.43
CA THR B 22 16.44 -20.65 -5.78
C THR B 22 16.84 -21.92 -6.57
N VAL B 23 16.27 -23.06 -6.17
CA VAL B 23 16.37 -24.33 -6.90
C VAL B 23 15.14 -24.52 -7.75
N LYS B 24 15.33 -24.94 -8.99
CA LYS B 24 14.23 -25.24 -9.86
C LYS B 24 14.42 -26.64 -10.44
N PHE B 25 13.38 -27.46 -10.32
CA PHE B 25 13.38 -28.80 -10.88
C PHE B 25 12.32 -28.93 -11.98
N ARG B 26 12.73 -29.44 -13.14
CA ARG B 26 11.79 -29.65 -14.24
C ARG B 26 11.64 -31.13 -14.58
N CYS B 27 10.46 -31.52 -15.04
CA CYS B 27 10.23 -32.88 -15.51
C CYS B 27 9.26 -32.87 -16.67
N PRO B 28 9.63 -32.16 -17.75
CA PRO B 28 8.69 -31.93 -18.84
C PRO B 28 8.31 -33.25 -19.46
N ALA B 29 7.02 -33.38 -19.74
CA ALA B 29 6.44 -34.63 -20.18
C ALA B 29 5.30 -34.33 -21.12
N GLY B 30 4.78 -35.36 -21.76
CA GLY B 30 3.60 -35.20 -22.59
C GLY B 30 2.77 -36.46 -22.45
N GLY B 31 1.53 -36.39 -22.91
CA GLY B 31 0.68 -37.56 -22.89
C GLY B 31 -0.70 -37.41 -23.51
N ASN B 32 -1.31 -38.56 -23.75
CA ASN B 32 -2.66 -38.67 -24.28
C ASN B 32 -3.48 -39.53 -23.31
N PRO B 33 -4.22 -38.88 -22.39
CA PRO B 33 -4.34 -37.42 -22.21
C PRO B 33 -3.22 -36.77 -21.38
N MET B 34 -3.12 -35.45 -21.50
CA MET B 34 -2.10 -34.63 -20.83
C MET B 34 -2.04 -34.86 -19.32
N PRO B 35 -0.99 -35.56 -18.86
CA PRO B 35 -0.80 -35.99 -17.46
C PRO B 35 -0.72 -34.82 -16.48
N THR B 36 -0.88 -35.14 -15.19
CA THR B 36 -0.70 -34.17 -14.13
C THR B 36 0.59 -34.55 -13.43
N MET B 37 1.13 -33.65 -12.61
CA MET B 37 2.40 -33.90 -11.97
C MET B 37 2.34 -33.67 -10.46
N ARG B 38 2.84 -34.64 -9.69
CA ARG B 38 2.98 -34.45 -8.24
C ARG B 38 4.43 -34.70 -7.83
N TRP B 39 4.81 -34.15 -6.67
CA TRP B 39 6.20 -34.19 -6.26
C TRP B 39 6.39 -34.93 -4.94
N LEU B 40 7.49 -35.64 -4.83
CA LEU B 40 7.79 -36.42 -3.65
C LEU B 40 9.11 -35.91 -3.10
N LYS B 41 9.23 -35.95 -1.78
CA LYS B 41 10.48 -35.64 -1.11
C LYS B 41 10.89 -36.83 -0.26
N ASN B 42 12.06 -37.41 -0.58
CA ASN B 42 12.54 -38.63 0.06
C ASN B 42 11.53 -39.79 0.05
N GLY B 43 10.77 -39.91 -1.04
CA GLY B 43 9.75 -40.93 -1.15
C GLY B 43 8.36 -40.42 -0.78
N LYS B 44 8.31 -39.62 0.28
CA LYS B 44 7.03 -39.14 0.80
C LYS B 44 6.52 -37.96 -0.01
N GLU B 45 5.20 -37.81 -0.06
CA GLU B 45 4.56 -36.69 -0.74
C GLU B 45 5.10 -35.34 -0.21
N PHE B 46 5.46 -34.47 -1.14
CA PHE B 46 5.92 -33.13 -0.79
C PHE B 46 4.74 -32.16 -0.63
N LYS B 47 4.58 -31.60 0.55
CA LYS B 47 3.47 -30.68 0.85
C LYS B 47 4.02 -29.31 1.29
N GLN B 48 3.19 -28.27 1.16
CA GLN B 48 3.62 -26.89 1.44
C GLN B 48 4.20 -26.67 2.85
N GLU B 49 3.81 -27.47 3.82
CA GLU B 49 4.24 -27.21 5.18
C GLU B 49 5.55 -27.93 5.49
N HIS B 50 6.04 -28.71 4.52
CA HIS B 50 7.27 -29.49 4.68
C HIS B 50 8.54 -28.65 4.72
N ARG B 51 8.50 -27.43 4.17
CA ARG B 51 9.62 -26.49 4.31
C ARG B 51 9.01 -25.11 4.56
N ILE B 52 9.80 -24.22 5.14
CA ILE B 52 9.30 -22.92 5.63
C ILE B 52 8.74 -22.03 4.53
N GLY B 53 9.49 -21.83 3.46
CA GLY B 53 9.00 -20.99 2.39
C GLY B 53 7.82 -21.59 1.65
N GLY B 54 7.66 -22.91 1.79
CA GLY B 54 6.68 -23.63 0.98
C GLY B 54 7.36 -23.93 -0.34
N TYR B 55 6.56 -24.11 -1.39
CA TYR B 55 7.14 -24.25 -2.73
C TYR B 55 6.16 -23.79 -3.79
N LYS B 56 6.70 -23.27 -4.89
CA LYS B 56 5.87 -22.80 -6.01
C LYS B 56 5.98 -23.79 -7.15
N VAL B 57 5.01 -23.74 -8.07
CA VAL B 57 5.03 -24.59 -9.25
C VAL B 57 4.62 -23.80 -10.49
N ARG B 58 5.00 -24.29 -11.66
CA ARG B 58 4.44 -23.80 -12.91
C ARG B 58 4.19 -25.00 -13.81
N ASN B 59 3.00 -25.58 -13.68
CA ASN B 59 2.63 -26.78 -14.43
C ASN B 59 2.87 -26.62 -15.92
N GLN B 60 2.56 -25.43 -16.43
CA GLN B 60 2.65 -25.13 -17.85
C GLN B 60 4.09 -25.19 -18.37
N HIS B 61 5.05 -25.38 -17.46
CA HIS B 61 6.43 -25.59 -17.84
C HIS B 61 7.03 -26.68 -16.96
N TRP B 62 6.13 -27.45 -16.32
CA TRP B 62 6.43 -28.69 -15.58
C TRP B 62 7.47 -28.61 -14.46
N SER B 63 7.42 -27.55 -13.66
CA SER B 63 8.51 -27.30 -12.73
C SER B 63 8.12 -27.08 -11.27
N LEU B 64 8.92 -27.68 -10.38
CA LEU B 64 8.91 -27.40 -8.94
C LEU B 64 9.98 -26.36 -8.58
N ILE B 65 9.59 -25.39 -7.75
CA ILE B 65 10.50 -24.31 -7.38
C ILE B 65 10.59 -24.10 -5.87
N MET B 66 11.81 -23.95 -5.36
CA MET B 66 12.05 -23.68 -3.96
C MET B 66 12.93 -22.45 -3.83
N GLU B 67 12.37 -21.38 -3.27
CA GLU B 67 13.15 -20.16 -3.03
C GLU B 67 13.83 -20.16 -1.68
N SER B 68 14.91 -19.38 -1.59
CA SER B 68 15.65 -19.20 -0.34
C SER B 68 16.05 -20.54 0.28
N VAL B 69 16.88 -21.31 -0.42
CA VAL B 69 17.12 -22.68 0.05
C VAL B 69 18.05 -22.67 1.26
N VAL B 70 17.81 -23.63 2.14
CA VAL B 70 18.49 -23.76 3.42
C VAL B 70 19.01 -25.19 3.46
N PRO B 71 20.13 -25.42 4.18
CA PRO B 71 20.79 -26.73 4.24
C PRO B 71 19.86 -27.91 4.51
N SER B 72 18.68 -27.62 5.09
CA SER B 72 17.69 -28.64 5.37
C SER B 72 16.82 -29.02 4.17
N ASP B 73 16.96 -28.31 3.05
CA ASP B 73 16.18 -28.66 1.85
C ASP B 73 16.82 -29.87 1.13
N LYS B 74 17.98 -30.28 1.61
CA LYS B 74 18.71 -31.45 1.12
C LYS B 74 17.83 -32.69 1.02
N GLY B 75 18.09 -33.55 0.05
CA GLY B 75 17.30 -34.76 -0.08
C GLY B 75 16.99 -35.16 -1.51
N ASN B 76 16.05 -36.08 -1.67
CA ASN B 76 15.64 -36.53 -2.99
C ASN B 76 14.29 -35.97 -3.36
N TYR B 77 14.20 -35.40 -4.56
CA TYR B 77 12.96 -34.84 -5.02
C TYR B 77 12.54 -35.61 -6.26
N THR B 78 11.29 -36.04 -6.29
CA THR B 78 10.84 -36.98 -7.32
C THR B 78 9.55 -36.52 -7.97
N CYS B 79 9.60 -36.25 -9.27
CA CYS B 79 8.37 -35.92 -9.99
C CYS B 79 7.69 -37.21 -10.45
N VAL B 80 6.38 -37.28 -10.22
CA VAL B 80 5.57 -38.39 -10.69
C VAL B 80 4.63 -37.84 -11.75
N VAL B 81 4.65 -38.44 -12.94
CA VAL B 81 3.80 -37.97 -14.04
C VAL B 81 2.81 -39.05 -14.41
N GLU B 82 1.53 -38.78 -14.20
CA GLU B 82 0.50 -39.81 -14.34
C GLU B 82 -0.61 -39.44 -15.31
N ASN B 83 -0.96 -40.41 -16.16
CA ASN B 83 -2.23 -40.34 -16.90
C ASN B 83 -2.96 -41.64 -16.64
N GLU B 84 -4.05 -41.86 -17.38
CA GLU B 84 -4.88 -43.06 -17.21
C GLU B 84 -4.14 -44.36 -17.53
N TYR B 85 -2.99 -44.25 -18.19
CA TYR B 85 -2.39 -45.40 -18.85
C TYR B 85 -0.95 -45.70 -18.45
N GLY B 86 -0.43 -44.98 -17.46
CA GLY B 86 0.90 -45.25 -16.95
C GLY B 86 1.54 -44.10 -16.19
N SER B 87 2.52 -44.43 -15.36
CA SER B 87 3.20 -43.44 -14.53
C SER B 87 4.70 -43.52 -14.74
N ILE B 88 5.30 -42.35 -14.98
CA ILE B 88 6.75 -42.25 -15.17
C ILE B 88 7.35 -41.47 -14.01
N ASN B 89 8.63 -41.71 -13.75
CA ASN B 89 9.21 -41.47 -12.45
C ASN B 89 10.65 -40.96 -12.54
N HIS B 90 10.91 -39.76 -12.00
CA HIS B 90 12.29 -39.28 -11.96
C HIS B 90 12.71 -38.61 -10.66
N THR B 91 13.92 -38.92 -10.22
CA THR B 91 14.43 -38.40 -8.96
C THR B 91 15.64 -37.51 -9.17
N TYR B 92 15.57 -36.28 -8.66
CA TYR B 92 16.74 -35.43 -8.56
C TYR B 92 17.27 -35.48 -7.14
N HIS B 93 18.58 -35.40 -7.00
CA HIS B 93 19.14 -35.23 -5.67
C HIS B 93 19.68 -33.81 -5.48
N LEU B 94 19.13 -33.13 -4.48
CA LEU B 94 19.47 -31.73 -4.17
C LEU B 94 20.48 -31.67 -3.04
N ASP B 95 21.59 -30.97 -3.28
CA ASP B 95 22.63 -30.74 -2.29
C ASP B 95 22.78 -29.23 -2.12
N VAL B 96 23.16 -28.77 -0.93
CA VAL B 96 23.28 -27.33 -0.69
C VAL B 96 24.72 -26.94 -0.37
N VAL B 97 25.26 -25.98 -1.14
CA VAL B 97 26.67 -25.58 -1.01
C VAL B 97 26.86 -24.40 -0.03
N GLU B 98 27.97 -24.41 0.71
CA GLU B 98 28.35 -23.33 1.63
C GLU B 98 29.87 -23.14 1.59
N ARG B 99 30.44 -21.99 1.99
CA ARG B 99 29.80 -20.73 2.45
C ARG B 99 28.45 -20.31 1.85
N GLU C 1 14.84 -4.44 8.47
CA GLU C 1 14.50 -4.08 7.10
C GLU C 1 15.67 -4.25 6.12
N VAL C 2 15.36 -4.86 4.98
CA VAL C 2 16.32 -4.98 3.87
C VAL C 2 16.72 -3.62 3.32
N GLN C 3 18.00 -3.28 3.42
CA GLN C 3 18.46 -2.02 2.85
C GLN C 3 19.83 -2.11 2.19
N LEU C 4 19.98 -1.24 1.20
CA LEU C 4 21.17 -1.15 0.38
C LEU C 4 21.46 0.34 0.18
N VAL C 5 22.63 0.77 0.62
CA VAL C 5 22.98 2.18 0.57
C VAL C 5 24.23 2.39 -0.27
N GLU C 6 24.06 3.19 -1.31
CA GLU C 6 25.15 3.43 -2.22
C GLU C 6 25.78 4.77 -1.91
N SER C 7 27.09 4.85 -2.07
CA SER C 7 27.79 6.09 -1.84
C SER C 7 29.02 6.12 -2.76
N GLY C 8 29.68 7.27 -2.83
CA GLY C 8 30.88 7.39 -3.63
C GLY C 8 30.65 8.16 -4.92
N GLY C 9 29.42 8.60 -5.15
CA GLY C 9 29.11 9.30 -6.38
C GLY C 9 29.84 10.62 -6.44
N GLY C 10 29.67 11.34 -7.53
CA GLY C 10 30.20 12.69 -7.65
C GLY C 10 30.75 13.00 -9.03
N LEU C 11 31.39 14.16 -9.15
CA LEU C 11 31.92 14.65 -10.42
C LEU C 11 33.39 14.30 -10.55
N VAL C 12 33.76 13.68 -11.67
CA VAL C 12 35.12 13.18 -11.84
C VAL C 12 35.61 13.43 -13.29
N GLN C 13 36.94 13.45 -13.48
CA GLN C 13 37.60 13.72 -14.78
C GLN C 13 37.64 12.52 -15.70
N PRO C 14 37.49 12.73 -17.02
CA PRO C 14 37.74 11.68 -18.02
C PRO C 14 39.15 11.10 -17.85
N GLY C 15 39.29 9.78 -17.97
CA GLY C 15 40.55 9.10 -17.68
C GLY C 15 40.73 8.77 -16.20
N GLY C 16 39.89 9.35 -15.35
CA GLY C 16 40.07 9.21 -13.93
C GLY C 16 39.38 8.00 -13.33
N SER C 17 39.48 7.87 -12.01
CA SER C 17 38.95 6.73 -11.31
C SER C 17 37.98 7.11 -10.21
N LEU C 18 37.12 6.15 -9.84
CA LEU C 18 36.10 6.38 -8.83
C LEU C 18 35.73 5.03 -8.28
N ARG C 19 35.47 4.95 -6.98
CA ARG C 19 34.98 3.71 -6.43
C ARG C 19 33.61 3.91 -5.84
N LEU C 20 32.63 3.16 -6.34
CA LEU C 20 31.30 3.21 -5.73
C LEU C 20 31.21 2.12 -4.67
N SER C 21 30.46 2.38 -3.61
CA SER C 21 30.24 1.39 -2.55
C SER C 21 28.78 1.05 -2.40
N CYS C 22 28.52 -0.15 -1.94
CA CYS C 22 27.16 -0.65 -1.79
C CYS C 22 27.05 -1.36 -0.45
N ALA C 23 26.58 -0.64 0.58
CA ALA C 23 26.51 -1.18 1.94
C ALA C 23 25.16 -1.83 2.23
N ALA C 24 25.23 -3.07 2.70
CA ALA C 24 24.02 -3.86 2.89
C ALA C 24 23.62 -4.00 4.36
N SER C 25 22.32 -3.99 4.61
CA SER C 25 21.79 -4.23 5.96
C SER C 25 20.52 -5.05 5.88
N GLY C 26 20.29 -5.92 6.86
CA GLY C 26 19.05 -6.70 6.88
C GLY C 26 19.20 -8.02 6.16
N PHE C 27 20.38 -8.20 5.54
CA PHE C 27 20.70 -9.39 4.80
C PHE C 27 22.21 -9.40 4.59
N THR C 28 22.76 -10.57 4.33
CA THR C 28 24.13 -10.73 3.92
C THR C 28 24.12 -11.31 2.51
N PHE C 29 25.21 -11.17 1.76
CA PHE C 29 25.23 -11.74 0.41
C PHE C 29 26.40 -12.69 0.23
N THR C 30 26.86 -13.27 1.33
CA THR C 30 27.97 -14.24 1.33
C THR C 30 27.72 -15.44 0.41
N SER C 31 26.45 -15.77 0.20
CA SER C 31 26.11 -16.86 -0.69
C SER C 31 25.23 -16.40 -1.86
N THR C 32 24.94 -15.09 -1.95
CA THR C 32 24.15 -14.58 -3.08
C THR C 32 25.03 -13.64 -3.90
N GLY C 33 24.47 -12.58 -4.47
CA GLY C 33 25.26 -11.73 -5.36
C GLY C 33 24.85 -10.27 -5.42
N ILE C 34 25.63 -9.49 -6.17
CA ILE C 34 25.37 -8.07 -6.32
C ILE C 34 25.51 -7.69 -7.78
N SER C 35 24.57 -6.91 -8.28
CA SER C 35 24.67 -6.46 -9.65
C SER C 35 24.80 -4.94 -9.70
N TRP C 36 25.29 -4.44 -10.81
CA TRP C 36 25.29 -3.02 -11.02
C TRP C 36 24.57 -2.71 -12.31
N VAL C 37 23.61 -1.80 -12.26
CA VAL C 37 23.07 -1.33 -13.52
C VAL C 37 22.99 0.19 -13.42
N ARG C 38 23.21 0.83 -14.57
CA ARG C 38 23.27 2.27 -14.63
C ARG C 38 22.24 2.82 -15.62
N GLN C 39 22.01 4.11 -15.47
CA GLN C 39 20.99 4.84 -16.21
C GLN C 39 21.49 6.22 -16.56
N ALA C 40 21.84 6.41 -17.82
CA ALA C 40 22.24 7.71 -18.28
C ALA C 40 21.07 8.67 -18.14
N PRO C 41 21.32 9.96 -17.81
CA PRO C 41 20.25 10.94 -17.59
C PRO C 41 19.26 10.99 -18.76
N GLY C 42 17.99 10.76 -18.45
CA GLY C 42 16.98 10.72 -19.49
C GLY C 42 16.84 9.39 -20.23
N LYS C 43 17.72 8.42 -19.95
CA LYS C 43 17.73 7.18 -20.77
C LYS C 43 17.25 5.92 -20.02
N GLY C 44 17.39 4.77 -20.68
CA GLY C 44 16.90 3.51 -20.13
C GLY C 44 17.95 2.85 -19.24
N LEU C 45 17.66 1.63 -18.76
CA LEU C 45 18.54 0.94 -17.82
C LEU C 45 19.60 0.15 -18.57
N GLU C 46 20.83 0.14 -18.06
CA GLU C 46 21.93 -0.57 -18.72
C GLU C 46 22.68 -1.45 -17.72
N TRP C 47 22.60 -2.76 -17.90
CA TRP C 47 23.31 -3.71 -17.04
C TRP C 47 24.80 -3.40 -17.10
N VAL C 48 25.47 -3.42 -15.94
CA VAL C 48 26.91 -3.11 -15.90
C VAL C 48 27.71 -4.37 -15.59
N GLY C 49 27.25 -5.16 -14.61
CA GLY C 49 27.93 -6.39 -14.30
C GLY C 49 27.41 -7.08 -13.05
N ARG C 50 28.07 -8.15 -12.62
CA ARG C 50 27.54 -8.96 -11.53
C ARG C 50 28.55 -9.91 -10.94
N THR C 51 28.59 -10.00 -9.61
CA THR C 51 29.39 -11.05 -8.99
C THR C 51 28.49 -11.87 -8.11
N HIS C 52 28.67 -13.19 -8.15
CA HIS C 52 27.90 -14.05 -7.29
C HIS C 52 28.84 -14.81 -6.41
N LEU C 53 28.71 -14.62 -5.10
CA LEU C 53 29.69 -15.14 -4.16
C LEU C 53 29.39 -16.59 -3.91
N GLY C 54 28.11 -16.93 -4.04
CA GLY C 54 27.68 -18.31 -3.94
C GLY C 54 28.22 -19.20 -5.05
N ASP C 55 28.21 -18.77 -6.31
CA ASP C 55 28.72 -19.65 -7.38
C ASP C 55 30.10 -19.24 -7.91
N GLY C 56 30.60 -18.12 -7.39
CA GLY C 56 31.94 -17.64 -7.69
C GLY C 56 32.11 -16.91 -9.01
N SER C 57 31.02 -16.67 -9.74
CA SER C 57 31.16 -16.05 -11.06
C SER C 57 31.07 -14.51 -11.01
N THR C 58 31.78 -13.89 -11.94
CA THR C 58 31.82 -12.45 -12.12
C THR C 58 31.74 -12.21 -13.61
N ASN C 59 30.88 -11.32 -14.07
CA ASN C 59 30.71 -11.06 -15.50
C ASN C 59 30.34 -9.59 -15.72
N TYR C 60 30.72 -9.01 -16.86
CA TYR C 60 30.51 -7.58 -17.10
C TYR C 60 29.89 -7.31 -18.48
N ALA C 61 29.17 -6.19 -18.62
CA ALA C 61 28.75 -5.73 -19.94
C ALA C 61 29.99 -5.40 -20.76
N ASP C 62 29.94 -5.70 -22.05
CA ASP C 62 31.07 -5.49 -22.94
C ASP C 62 31.56 -4.04 -22.96
N SER C 63 30.67 -3.10 -22.65
CA SER C 63 31.04 -1.70 -22.74
C SER C 63 31.89 -1.27 -21.53
N VAL C 64 32.18 -2.21 -20.64
CA VAL C 64 32.68 -1.81 -19.32
C VAL C 64 33.78 -2.79 -18.88
N LYS C 65 33.95 -3.83 -19.69
CA LYS C 65 34.91 -4.89 -19.39
C LYS C 65 36.31 -4.30 -19.29
N GLY C 66 37.08 -4.82 -18.33
CA GLY C 66 38.47 -4.42 -18.21
C GLY C 66 38.69 -3.04 -17.63
N ARG C 67 37.66 -2.18 -17.61
CA ARG C 67 37.77 -0.88 -16.96
C ARG C 67 37.12 -0.88 -15.56
N PHE C 68 36.03 -1.63 -15.41
CA PHE C 68 35.27 -1.65 -14.14
C PHE C 68 35.51 -2.95 -13.41
N THR C 69 35.58 -2.92 -12.08
CA THR C 69 35.83 -4.14 -11.33
C THR C 69 34.84 -4.26 -10.21
N ILE C 70 34.20 -5.41 -10.11
CA ILE C 70 33.23 -5.62 -9.07
C ILE C 70 33.79 -6.55 -8.01
N SER C 71 33.80 -6.08 -6.78
CA SER C 71 34.27 -6.88 -5.65
C SER C 71 33.31 -6.76 -4.49
N ALA C 72 33.59 -7.50 -3.41
CA ALA C 72 32.78 -7.46 -2.21
C ALA C 72 33.64 -7.72 -0.97
N ASP C 73 33.26 -7.15 0.17
CA ASP C 73 33.97 -7.42 1.41
C ASP C 73 32.95 -7.92 2.43
N THR C 74 33.08 -9.19 2.77
CA THR C 74 32.11 -9.85 3.64
C THR C 74 32.15 -9.30 5.05
N SER C 75 33.35 -8.94 5.51
CA SER C 75 33.48 -8.31 6.82
C SER C 75 32.57 -7.10 6.86
N LYS C 76 32.67 -6.24 5.85
CA LYS C 76 31.90 -5.00 5.82
C LYS C 76 30.49 -5.16 5.24
N ASN C 77 30.16 -6.38 4.80
CA ASN C 77 28.89 -6.62 4.10
C ASN C 77 28.66 -5.56 3.01
N THR C 78 29.71 -5.29 2.26
CA THR C 78 29.73 -4.18 1.31
C THR C 78 30.24 -4.62 -0.05
N ALA C 79 29.59 -4.15 -1.11
CA ALA C 79 29.99 -4.42 -2.48
C ALA C 79 30.56 -3.16 -3.10
N TYR C 80 31.40 -3.33 -4.12
CA TYR C 80 32.07 -2.20 -4.76
C TYR C 80 32.10 -2.27 -6.28
N LEU C 81 32.09 -1.10 -6.89
CA LEU C 81 32.38 -1.00 -8.31
C LEU C 81 33.56 -0.04 -8.47
N GLN C 82 34.73 -0.58 -8.77
CA GLN C 82 35.88 0.23 -9.11
C GLN C 82 35.83 0.63 -10.56
N MET C 83 35.67 1.91 -10.83
CA MET C 83 35.61 2.40 -12.21
C MET C 83 36.93 3.06 -12.60
N ASN C 84 37.61 2.51 -13.61
CA ASN C 84 38.84 3.14 -14.09
C ASN C 84 38.70 3.60 -15.54
N SER C 85 39.54 4.53 -15.99
CA SER C 85 39.50 4.99 -17.40
C SER C 85 38.11 5.47 -17.78
N LEU C 86 37.56 6.37 -16.97
CA LEU C 86 36.19 6.82 -17.15
C LEU C 86 36.08 7.76 -18.35
N ARG C 87 34.96 7.69 -19.06
CA ARG C 87 34.71 8.63 -20.14
C ARG C 87 33.36 9.32 -19.95
N ALA C 88 33.12 10.35 -20.74
CA ALA C 88 31.89 11.13 -20.62
C ALA C 88 30.66 10.23 -20.70
N GLU C 89 30.74 9.17 -21.50
CA GLU C 89 29.57 8.31 -21.67
C GLU C 89 29.40 7.29 -20.56
N ASP C 90 30.20 7.38 -19.50
CA ASP C 90 29.93 6.63 -18.28
C ASP C 90 29.06 7.42 -17.33
N THR C 91 28.78 8.67 -17.69
CA THR C 91 27.91 9.50 -16.88
C THR C 91 26.54 8.87 -16.67
N ALA C 92 26.15 8.61 -15.41
CA ALA C 92 24.87 7.97 -15.12
C ALA C 92 24.58 7.92 -13.63
N VAL C 93 23.34 7.61 -13.28
CA VAL C 93 23.06 7.12 -11.95
C VAL C 93 23.43 5.62 -11.90
N TYR C 94 24.24 5.21 -10.92
CA TYR C 94 24.60 3.80 -10.77
C TYR C 94 23.84 3.17 -9.62
N TYR C 95 23.10 2.11 -9.93
CA TYR C 95 22.37 1.30 -8.95
C TYR C 95 23.12 0.01 -8.70
N CYS C 96 23.11 -0.43 -7.45
CA CYS C 96 23.49 -1.78 -7.13
C CYS C 96 22.21 -2.50 -6.69
N ALA C 97 22.16 -3.80 -6.95
CA ALA C 97 20.97 -4.60 -6.65
C ALA C 97 21.37 -5.92 -6.03
N ARG C 98 20.68 -6.31 -4.96
CA ARG C 98 20.91 -7.62 -4.41
C ARG C 98 20.45 -8.62 -5.46
N THR C 99 21.29 -9.61 -5.72
CA THR C 99 21.04 -10.53 -6.82
C THR C 99 21.19 -11.98 -6.39
N TYR C 100 20.14 -12.76 -6.58
CA TYR C 100 20.22 -14.18 -6.29
C TYR C 100 20.08 -15.02 -7.56
N GLY C 101 20.32 -16.33 -7.47
CA GLY C 101 20.23 -17.17 -8.64
C GLY C 101 19.16 -18.24 -8.61
N ILE C 102 18.55 -18.51 -9.77
CA ILE C 102 17.64 -19.64 -9.95
C ILE C 102 18.45 -20.74 -10.67
N TYR C 103 18.75 -21.81 -9.95
CA TYR C 103 19.61 -22.87 -10.47
C TYR C 103 18.77 -24.05 -10.93
N ASP C 104 18.88 -24.35 -12.23
CA ASP C 104 18.06 -25.34 -12.89
C ASP C 104 18.95 -26.26 -13.76
N LEU C 105 19.02 -27.56 -13.43
CA LEU C 105 19.78 -28.53 -14.22
C LEU C 105 19.36 -28.56 -15.66
N TYR C 106 18.10 -28.26 -15.91
CA TYR C 106 17.51 -28.36 -17.25
C TYR C 106 18.07 -27.41 -18.30
N VAL C 107 18.69 -26.31 -17.87
CA VAL C 107 19.23 -25.32 -18.80
C VAL C 107 20.70 -25.03 -18.55
N ASP C 108 21.24 -24.19 -19.43
CA ASP C 108 22.66 -23.88 -19.54
C ASP C 108 23.19 -22.81 -18.61
N TYR C 109 22.28 -22.07 -18.02
CA TYR C 109 22.64 -20.85 -17.35
C TYR C 109 21.94 -20.74 -16.00
N THR C 110 22.48 -19.90 -15.14
CA THR C 110 21.81 -19.49 -13.93
C THR C 110 20.98 -18.27 -14.28
N GLU C 111 19.69 -18.30 -13.96
CA GLU C 111 18.85 -17.11 -14.14
C GLU C 111 18.98 -16.23 -12.90
N TYR C 112 19.48 -15.02 -13.09
CA TYR C 112 19.73 -14.14 -11.94
C TYR C 112 18.63 -13.11 -11.78
N VAL C 113 18.12 -12.97 -10.58
CA VAL C 113 17.07 -12.00 -10.35
C VAL C 113 17.60 -10.87 -9.47
N MET C 114 17.49 -9.66 -10.00
CA MET C 114 17.91 -8.46 -9.28
C MET C 114 16.71 -7.88 -8.54
N ASP C 115 16.51 -8.35 -7.31
CA ASP C 115 15.24 -8.16 -6.63
C ASP C 115 15.17 -6.91 -5.75
N TYR C 116 16.31 -6.42 -5.26
CA TYR C 116 16.26 -5.18 -4.44
C TYR C 116 17.42 -4.22 -4.71
N TRP C 117 17.09 -3.03 -5.20
CA TRP C 117 18.12 -2.08 -5.62
C TRP C 117 18.27 -0.91 -4.64
N GLY C 118 19.49 -0.41 -4.48
CA GLY C 118 19.73 0.80 -3.71
C GLY C 118 19.19 1.99 -4.44
N GLN C 119 19.25 3.18 -3.83
CA GLN C 119 18.58 4.32 -4.43
C GLN C 119 19.46 4.98 -5.46
N GLY C 120 20.70 4.58 -5.53
CA GLY C 120 21.51 5.03 -6.65
C GLY C 120 22.37 6.22 -6.27
N THR C 121 23.52 6.31 -6.92
CA THR C 121 24.42 7.43 -6.73
C THR C 121 24.80 7.96 -8.11
N LEU C 122 24.92 9.28 -8.22
CA LEU C 122 25.12 9.92 -9.50
C LEU C 122 26.60 10.10 -9.79
N VAL C 123 27.03 9.57 -10.93
CA VAL C 123 28.39 9.78 -11.39
C VAL C 123 28.40 10.68 -12.61
N THR C 124 29.11 11.81 -12.53
CA THR C 124 29.27 12.71 -13.68
C THR C 124 30.73 12.75 -14.12
N VAL C 125 30.98 12.30 -15.34
CA VAL C 125 32.33 12.32 -15.88
C VAL C 125 32.45 13.50 -16.83
N SER C 126 33.31 14.44 -16.48
CA SER C 126 33.46 15.67 -17.24
C SER C 126 34.76 16.40 -16.89
N SER C 127 35.27 17.15 -17.87
CA SER C 127 36.48 17.95 -17.72
C SER C 127 36.18 19.28 -17.03
N ALA C 128 34.91 19.66 -17.01
CA ALA C 128 34.54 20.97 -16.47
C ALA C 128 34.60 21.01 -14.94
N SER C 129 34.93 22.19 -14.45
CA SER C 129 35.15 22.42 -13.03
C SER C 129 33.83 22.72 -12.32
N THR C 130 33.80 22.47 -11.02
CA THR C 130 32.66 22.85 -10.21
C THR C 130 32.37 24.34 -10.39
N LYS C 131 31.10 24.66 -10.57
CA LYS C 131 30.68 26.04 -10.67
C LYS C 131 29.37 26.26 -9.91
N GLY C 132 29.35 27.24 -9.01
CA GLY C 132 28.12 27.61 -8.34
C GLY C 132 27.23 28.50 -9.18
N PRO C 133 25.91 28.46 -8.95
CA PRO C 133 24.90 29.20 -9.70
C PRO C 133 24.78 30.67 -9.31
N SER C 134 24.37 31.50 -10.25
CA SER C 134 23.87 32.83 -9.90
C SER C 134 22.38 32.67 -9.66
N VAL C 135 21.86 33.26 -8.58
CA VAL C 135 20.43 33.16 -8.31
C VAL C 135 19.74 34.49 -8.58
N PHE C 136 18.78 34.47 -9.51
CA PHE C 136 18.06 35.68 -9.89
C PHE C 136 16.56 35.59 -9.58
N PRO C 137 15.96 36.72 -9.15
CA PRO C 137 14.54 36.71 -8.82
C PRO C 137 13.67 36.74 -10.08
N LEU C 138 12.50 36.09 -9.97
CA LEU C 138 11.44 36.18 -10.96
C LEU C 138 10.30 36.96 -10.32
N ALA C 139 10.27 38.26 -10.55
CA ALA C 139 9.37 39.15 -9.82
C ALA C 139 7.94 39.06 -10.31
N PRO C 140 6.98 39.07 -9.37
CA PRO C 140 5.54 39.05 -9.69
C PRO C 140 5.09 40.31 -10.42
N SER C 141 4.39 40.17 -11.54
CA SER C 141 3.94 41.32 -12.32
C SER C 141 2.75 42.00 -11.65
N GLY C 148 -6.96 36.40 -8.50
CA GLY C 148 -5.98 37.03 -7.65
C GLY C 148 -4.80 36.14 -7.35
N THR C 149 -4.29 35.44 -8.37
CA THR C 149 -3.16 34.55 -8.16
C THR C 149 -1.94 35.23 -8.79
N ALA C 150 -0.83 35.24 -8.06
CA ALA C 150 0.40 35.79 -8.61
C ALA C 150 1.46 34.70 -8.66
N ALA C 151 2.24 34.70 -9.74
CA ALA C 151 3.38 33.80 -9.85
C ALA C 151 4.69 34.56 -9.65
N LEU C 152 5.54 34.02 -8.77
CA LEU C 152 6.87 34.60 -8.55
C LEU C 152 7.85 33.45 -8.46
N GLY C 153 9.14 33.74 -8.47
CA GLY C 153 10.12 32.69 -8.34
C GLY C 153 11.58 33.07 -8.43
N CYS C 154 12.43 32.05 -8.60
CA CYS C 154 13.88 32.20 -8.66
C CYS C 154 14.46 31.51 -9.87
N LEU C 155 15.37 32.20 -10.53
CA LEU C 155 16.12 31.60 -11.61
C LEU C 155 17.45 31.15 -11.04
N VAL C 156 17.76 29.85 -11.17
CA VAL C 156 19.01 29.29 -10.69
C VAL C 156 19.84 28.88 -11.90
N LYS C 157 20.80 29.72 -12.28
CA LYS C 157 21.46 29.60 -13.59
C LYS C 157 22.96 29.30 -13.47
N ASP C 158 23.47 28.56 -14.46
CA ASP C 158 24.91 28.32 -14.67
C ASP C 158 25.65 27.64 -13.53
N TYR C 159 25.21 26.44 -13.17
CA TYR C 159 25.91 25.66 -12.15
C TYR C 159 26.35 24.30 -12.70
N PHE C 160 27.31 23.68 -12.03
CA PHE C 160 27.83 22.38 -12.42
C PHE C 160 28.54 21.81 -11.22
N PRO C 161 28.27 20.53 -10.86
CA PRO C 161 27.35 19.61 -11.52
C PRO C 161 26.02 19.65 -10.84
N GLU C 162 25.12 18.72 -11.17
CA GLU C 162 23.92 18.51 -10.36
C GLU C 162 24.33 18.03 -8.96
N PRO C 163 23.45 18.18 -7.95
CA PRO C 163 22.17 18.87 -7.98
C PRO C 163 22.22 20.20 -7.23
N VAL C 164 21.10 20.91 -7.26
CA VAL C 164 20.84 22.05 -6.40
C VAL C 164 19.59 21.71 -5.60
N THR C 165 19.37 22.44 -4.52
CA THR C 165 18.09 22.32 -3.82
C THR C 165 17.49 23.71 -3.72
N VAL C 166 16.19 23.79 -3.99
CA VAL C 166 15.46 25.02 -3.80
C VAL C 166 14.34 24.79 -2.81
N SER C 167 14.30 25.58 -1.75
CA SER C 167 13.13 25.63 -0.87
C SER C 167 12.65 27.06 -0.80
N TRP C 168 11.44 27.25 -0.31
CA TRP C 168 10.89 28.57 -0.14
C TRP C 168 10.60 28.85 1.34
N ASN C 169 11.02 30.02 1.80
CA ASN C 169 10.78 30.48 3.15
C ASN C 169 11.17 29.44 4.19
N SER C 170 12.38 28.92 4.05
CA SER C 170 12.88 27.86 4.90
C SER C 170 11.91 26.69 4.93
N GLY C 171 11.28 26.43 3.80
CA GLY C 171 10.43 25.26 3.69
C GLY C 171 9.09 25.38 4.37
N ALA C 172 8.68 26.59 4.73
CA ALA C 172 7.34 26.82 5.31
C ALA C 172 6.29 26.95 4.21
N LEU C 173 6.73 27.43 3.05
CA LEU C 173 5.89 27.50 1.86
C LEU C 173 6.21 26.35 0.92
N THR C 174 5.23 25.46 0.71
CA THR C 174 5.43 24.29 -0.13
C THR C 174 4.33 24.13 -1.18
N SER C 175 3.17 24.70 -0.92
CA SER C 175 2.04 24.61 -1.84
C SER C 175 2.19 25.58 -3.00
N GLY C 176 1.84 25.13 -4.20
CA GLY C 176 1.94 25.95 -5.39
C GLY C 176 3.35 26.02 -5.96
N VAL C 177 4.33 25.47 -5.23
CA VAL C 177 5.72 25.48 -5.67
C VAL C 177 6.04 24.44 -6.75
N HIS C 178 6.53 24.91 -7.89
CA HIS C 178 7.11 24.03 -8.88
C HIS C 178 8.59 24.32 -9.03
N THR C 179 9.42 23.31 -8.81
CA THR C 179 10.85 23.40 -9.09
C THR C 179 11.16 22.53 -10.31
N PHE C 180 11.46 23.18 -11.43
CA PHE C 180 11.64 22.48 -12.69
C PHE C 180 12.94 21.70 -12.70
N PRO C 181 12.96 20.60 -13.47
CA PRO C 181 14.21 19.86 -13.69
C PRO C 181 15.22 20.79 -14.32
N ALA C 182 16.49 20.62 -13.97
CA ALA C 182 17.56 21.37 -14.63
C ALA C 182 17.67 20.94 -16.10
N VAL C 183 17.90 21.90 -16.98
CA VAL C 183 18.32 21.55 -18.32
C VAL C 183 19.81 21.92 -18.45
N LEU C 184 20.49 21.15 -19.28
CA LEU C 184 21.85 21.46 -19.69
C LEU C 184 21.81 22.50 -20.79
N GLN C 185 22.42 23.66 -20.53
CA GLN C 185 22.56 24.64 -21.58
C GLN C 185 23.69 24.19 -22.52
N SER C 186 23.80 24.80 -23.69
CA SER C 186 24.84 24.41 -24.64
C SER C 186 26.22 24.77 -24.12
N SER C 187 26.27 25.62 -23.10
CA SER C 187 27.53 25.97 -22.44
C SER C 187 28.06 24.79 -21.64
N GLY C 188 27.19 23.82 -21.36
CA GLY C 188 27.54 22.66 -20.54
C GLY C 188 27.21 22.91 -19.08
N LEU C 189 26.53 24.03 -18.79
CA LEU C 189 26.12 24.35 -17.43
C LEU C 189 24.63 24.21 -17.27
N TYR C 190 24.21 23.83 -16.08
CA TYR C 190 22.80 23.63 -15.80
C TYR C 190 22.15 24.93 -15.44
N SER C 191 20.84 24.98 -15.69
CA SER C 191 20.01 26.10 -15.27
C SER C 191 18.64 25.53 -14.99
N LEU C 192 17.99 26.03 -13.94
CA LEU C 192 16.58 25.71 -13.70
C LEU C 192 15.86 26.90 -13.07
N SER C 193 14.53 26.89 -13.10
CA SER C 193 13.75 27.91 -12.40
C SER C 193 12.86 27.25 -11.37
N SER C 194 12.57 27.96 -10.30
CA SER C 194 11.67 27.47 -9.28
C SER C 194 10.60 28.51 -9.02
N VAL C 195 9.35 28.13 -9.26
CA VAL C 195 8.24 29.08 -9.15
C VAL C 195 7.21 28.67 -8.13
N VAL C 196 6.42 29.64 -7.67
CA VAL C 196 5.31 29.33 -6.79
C VAL C 196 4.21 30.35 -7.04
N THR C 197 2.97 29.88 -7.00
CA THR C 197 1.82 30.77 -7.08
C THR C 197 1.38 31.11 -5.65
N VAL C 198 1.14 32.41 -5.41
CA VAL C 198 0.59 32.89 -4.16
C VAL C 198 -0.54 33.90 -4.46
N PRO C 199 -1.40 34.19 -3.47
CA PRO C 199 -2.43 35.21 -3.70
C PRO C 199 -1.82 36.58 -3.92
N SER C 200 -2.39 37.37 -4.82
CA SER C 200 -1.89 38.71 -5.09
C SER C 200 -1.98 39.63 -3.86
N SER C 201 -2.81 39.26 -2.90
CA SER C 201 -3.00 40.09 -1.71
C SER C 201 -1.91 39.90 -0.65
N SER C 202 -1.16 38.80 -0.72
CA SER C 202 -0.07 38.54 0.22
C SER C 202 1.21 39.25 -0.21
N LEU C 203 1.21 39.75 -1.45
CA LEU C 203 2.36 40.46 -1.99
C LEU C 203 2.66 41.73 -1.20
N GLY C 204 3.94 41.97 -0.91
CA GLY C 204 4.37 43.08 -0.08
C GLY C 204 4.23 42.76 1.41
N THR C 205 3.00 42.43 1.81
CA THR C 205 2.70 41.98 3.16
C THR C 205 3.56 40.75 3.56
N GLN C 206 3.36 39.64 2.84
CA GLN C 206 4.16 38.43 3.06
C GLN C 206 5.49 38.50 2.30
N THR C 207 6.58 38.16 3.00
CA THR C 207 7.90 38.15 2.39
C THR C 207 8.16 36.79 1.71
N TYR C 208 8.74 36.81 0.52
CA TYR C 208 8.98 35.56 -0.20
C TYR C 208 10.46 35.41 -0.52
N ILE C 209 11.06 34.39 0.08
CA ILE C 209 12.49 34.12 -0.04
C ILE C 209 12.71 32.71 -0.60
N CYS C 210 13.57 32.59 -1.59
CA CYS C 210 13.91 31.27 -2.07
C CYS C 210 15.24 30.89 -1.44
N ASN C 211 15.34 29.64 -1.02
CA ASN C 211 16.55 29.18 -0.38
C ASN C 211 17.27 28.21 -1.30
N VAL C 212 18.41 28.65 -1.84
CA VAL C 212 19.13 27.85 -2.82
C VAL C 212 20.44 27.30 -2.26
N ASN C 213 20.68 25.99 -2.43
CA ASN C 213 21.96 25.39 -2.07
C ASN C 213 22.54 24.59 -3.22
N HIS C 214 23.82 24.76 -3.44
CA HIS C 214 24.58 23.93 -4.36
C HIS C 214 25.78 23.38 -3.58
N LYS C 215 25.61 22.19 -3.00
CA LYS C 215 26.64 21.61 -2.14
C LYS C 215 28.02 21.46 -2.80
N PRO C 216 28.08 21.03 -4.08
CA PRO C 216 29.42 20.91 -4.64
C PRO C 216 30.29 22.17 -4.59
N SER C 217 29.70 23.36 -4.72
CA SER C 217 30.50 24.57 -4.66
C SER C 217 30.35 25.29 -3.32
N ASN C 218 29.59 24.71 -2.38
CA ASN C 218 29.26 25.33 -1.10
C ASN C 218 28.57 26.68 -1.28
N THR C 219 27.75 26.79 -2.32
CA THR C 219 27.01 28.02 -2.56
C THR C 219 25.66 27.95 -1.84
N LYS C 220 25.34 29.02 -1.13
CA LYS C 220 24.06 29.14 -0.48
C LYS C 220 23.54 30.55 -0.71
N VAL C 221 22.39 30.66 -1.36
CA VAL C 221 21.77 31.98 -1.55
C VAL C 221 20.34 31.99 -1.00
N ASP C 222 20.01 33.03 -0.25
CA ASP C 222 18.65 33.32 0.20
C ASP C 222 18.17 34.60 -0.49
N LYS C 223 17.64 34.46 -1.71
CA LYS C 223 17.21 35.65 -2.45
C LYS C 223 15.77 35.98 -2.13
N LYS C 224 15.55 37.22 -1.72
CA LYS C 224 14.21 37.76 -1.48
C LYS C 224 13.59 38.16 -2.80
N VAL C 225 12.33 37.80 -2.99
CA VAL C 225 11.62 38.09 -4.22
C VAL C 225 10.45 39.01 -3.88
N GLU C 226 10.37 40.12 -4.60
CA GLU C 226 9.37 41.13 -4.32
C GLU C 226 8.98 41.82 -5.61
N PRO C 227 7.82 42.51 -5.60
CA PRO C 227 7.38 43.27 -6.78
C PRO C 227 8.37 44.38 -7.13
N LYS C 228 8.75 44.50 -8.40
CA LYS C 228 9.64 45.57 -8.83
C LYS C 228 8.87 46.89 -9.01
N SER C 229 9.55 48.02 -8.88
CA SER C 229 8.87 49.32 -8.99
C SER C 229 9.11 49.99 -10.37
N CYS C 230 8.89 51.31 -10.43
CA CYS C 230 9.03 52.05 -11.68
C CYS C 230 9.10 53.55 -11.42
N GLU D 1 2.51 11.74 12.75
CA GLU D 1 1.42 10.85 12.38
C GLU D 1 0.19 11.06 13.26
N VAL D 2 -0.98 11.12 12.61
CA VAL D 2 -2.26 11.16 13.30
C VAL D 2 -2.45 9.90 14.13
N GLN D 3 -2.57 10.06 15.44
CA GLN D 3 -2.77 8.89 16.29
C GLN D 3 -3.75 9.14 17.42
N LEU D 4 -4.42 8.07 17.78
CA LEU D 4 -5.46 8.07 18.78
C LEU D 4 -5.27 6.80 19.57
N VAL D 5 -4.97 6.94 20.86
CA VAL D 5 -4.63 5.79 21.68
C VAL D 5 -5.59 5.65 22.86
N GLU D 6 -6.27 4.52 22.94
CA GLU D 6 -7.27 4.33 23.97
C GLU D 6 -6.74 3.52 25.12
N SER D 7 -7.17 3.85 26.33
CA SER D 7 -6.74 3.10 27.49
C SER D 7 -7.87 3.13 28.50
N GLY D 8 -7.75 2.37 29.58
CA GLY D 8 -8.75 2.36 30.63
C GLY D 8 -9.63 1.13 30.61
N GLY D 9 -9.38 0.23 29.67
CA GLY D 9 -10.21 -0.97 29.53
C GLY D 9 -10.06 -1.88 30.73
N GLY D 10 -10.77 -3.01 30.70
CA GLY D 10 -10.56 -4.03 31.72
C GLY D 10 -11.84 -4.66 32.20
N LEU D 11 -11.72 -5.49 33.25
CA LEU D 11 -12.85 -6.24 33.77
C LEU D 11 -13.41 -5.51 34.97
N VAL D 12 -14.72 -5.25 34.94
CA VAL D 12 -15.35 -4.45 35.97
C VAL D 12 -16.68 -5.10 36.33
N GLN D 13 -17.21 -4.77 37.52
CA GLN D 13 -18.45 -5.32 38.07
C GLN D 13 -19.70 -4.66 37.54
N PRO D 14 -20.79 -5.42 37.36
CA PRO D 14 -22.11 -4.84 37.11
C PRO D 14 -22.48 -3.79 38.18
N GLY D 15 -23.09 -2.69 37.77
CA GLY D 15 -23.35 -1.58 38.66
C GLY D 15 -22.14 -0.69 38.82
N GLY D 16 -20.99 -1.15 38.34
CA GLY D 16 -19.76 -0.42 38.58
C GLY D 16 -19.49 0.65 37.55
N SER D 17 -18.33 1.30 37.71
CA SER D 17 -17.95 2.43 36.89
C SER D 17 -16.60 2.20 36.24
N LEU D 18 -16.36 2.92 35.14
CA LEU D 18 -15.13 2.83 34.35
C LEU D 18 -14.96 4.12 33.61
N ARG D 19 -13.74 4.61 33.49
CA ARG D 19 -13.48 5.75 32.65
C ARG D 19 -12.53 5.35 31.55
N LEU D 20 -12.96 5.49 30.30
CA LEU D 20 -12.05 5.23 29.19
C LEU D 20 -11.43 6.54 28.75
N SER D 21 -10.19 6.48 28.28
CA SER D 21 -9.47 7.68 27.82
C SER D 21 -9.11 7.55 26.36
N CYS D 22 -9.05 8.69 25.69
CA CYS D 22 -8.76 8.73 24.27
C CYS D 22 -7.77 9.86 24.02
N ALA D 23 -6.48 9.51 23.96
CA ALA D 23 -5.44 10.52 23.80
C ALA D 23 -5.04 10.71 22.35
N ALA D 24 -5.05 11.97 21.92
CA ALA D 24 -4.77 12.27 20.53
C ALA D 24 -3.37 12.84 20.34
N SER D 25 -2.74 12.48 19.23
CA SER D 25 -1.46 13.05 18.85
C SER D 25 -1.51 13.31 17.35
N GLY D 26 -0.84 14.36 16.89
CA GLY D 26 -0.79 14.66 15.47
C GLY D 26 -1.93 15.57 15.06
N PHE D 27 -2.82 15.85 16.01
CA PHE D 27 -3.96 16.71 15.74
C PHE D 27 -4.62 17.13 17.04
N THR D 28 -5.33 18.24 17.01
CA THR D 28 -6.13 18.64 18.15
C THR D 28 -7.57 18.60 17.73
N PHE D 29 -8.48 18.53 18.71
CA PHE D 29 -9.88 18.48 18.36
C PHE D 29 -10.63 19.61 19.03
N THR D 30 -9.89 20.68 19.33
CA THR D 30 -10.46 21.88 19.94
C THR D 30 -11.62 22.46 19.13
N SER D 31 -11.60 22.22 17.82
CA SER D 31 -12.72 22.67 17.01
C SER D 31 -13.41 21.50 16.28
N THR D 32 -12.98 20.26 16.51
CA THR D 32 -13.70 19.13 15.89
C THR D 32 -14.37 18.32 16.97
N GLY D 33 -14.41 17.00 16.81
CA GLY D 33 -15.15 16.20 17.78
C GLY D 33 -14.60 14.82 18.00
N ILE D 34 -15.22 14.10 18.93
CA ILE D 34 -14.83 12.74 19.24
C ILE D 34 -16.07 11.87 19.32
N SER D 35 -16.03 10.69 18.71
CA SER D 35 -17.15 9.78 18.83
C SER D 35 -16.72 8.51 19.51
N TRP D 36 -17.68 7.78 20.05
CA TRP D 36 -17.37 6.49 20.61
C TRP D 36 -18.25 5.47 19.94
N VAL D 37 -17.66 4.39 19.43
CA VAL D 37 -18.52 3.31 19.00
C VAL D 37 -17.95 2.00 19.55
N ARG D 38 -18.85 1.09 19.89
CA ARG D 38 -18.45 -0.15 20.53
C ARG D 38 -18.89 -1.36 19.72
N GLN D 39 -18.28 -2.49 20.04
CA GLN D 39 -18.51 -3.71 19.31
C GLN D 39 -18.51 -4.88 20.28
N ALA D 40 -19.67 -5.42 20.57
CA ALA D 40 -19.73 -6.60 21.41
C ALA D 40 -19.01 -7.76 20.71
N PRO D 41 -18.32 -8.63 21.48
CA PRO D 41 -17.54 -9.73 20.88
C PRO D 41 -18.34 -10.57 19.90
N GLY D 42 -17.85 -10.68 18.68
CA GLY D 42 -18.56 -11.42 17.65
C GLY D 42 -19.63 -10.64 16.88
N LYS D 43 -19.91 -9.39 17.29
CA LYS D 43 -21.05 -8.67 16.70
C LYS D 43 -20.66 -7.46 15.82
N GLY D 44 -21.66 -6.68 15.41
CA GLY D 44 -21.44 -5.54 14.53
C GLY D 44 -21.14 -4.25 15.31
N LEU D 45 -21.03 -3.13 14.59
CA LEU D 45 -20.67 -1.86 15.24
C LEU D 45 -21.89 -1.14 15.82
N GLU D 46 -21.73 -0.55 17.00
CA GLU D 46 -22.81 0.17 17.69
C GLU D 46 -22.32 1.56 18.14
N TRP D 47 -22.88 2.61 17.55
CA TRP D 47 -22.58 3.99 17.92
C TRP D 47 -22.89 4.21 19.39
N VAL D 48 -22.03 4.90 20.11
CA VAL D 48 -22.25 5.13 21.55
C VAL D 48 -22.59 6.59 21.77
N GLY D 49 -21.83 7.50 21.17
CA GLY D 49 -22.16 8.89 21.27
C GLY D 49 -21.10 9.82 20.73
N ARG D 50 -21.29 11.12 20.91
CA ARG D 50 -20.42 12.07 20.23
C ARG D 50 -20.47 13.45 20.85
N THR D 51 -19.31 14.07 20.98
CA THR D 51 -19.29 15.46 21.39
C THR D 51 -18.51 16.24 20.38
N HIS D 52 -19.03 17.41 20.02
CA HIS D 52 -18.33 18.25 19.05
C HIS D 52 -18.04 19.58 19.70
N LEU D 53 -16.76 19.89 19.80
CA LEU D 53 -16.33 21.05 20.57
C LEU D 53 -16.49 22.33 19.77
N GLY D 54 -16.39 22.19 18.46
CA GLY D 54 -16.64 23.29 17.56
C GLY D 54 -18.08 23.78 17.54
N ASP D 55 -19.06 22.87 17.55
CA ASP D 55 -20.46 23.32 17.54
C ASP D 55 -21.13 23.17 18.90
N GLY D 56 -20.42 22.58 19.86
CA GLY D 56 -20.89 22.46 21.23
C GLY D 56 -21.90 21.36 21.49
N SER D 57 -22.18 20.51 20.50
CA SER D 57 -23.23 19.50 20.69
C SER D 57 -22.67 18.20 21.26
N THR D 58 -23.52 17.53 22.03
CA THR D 58 -23.22 16.25 22.66
C THR D 58 -24.47 15.38 22.53
N ASN D 59 -24.33 14.15 22.06
CA ASN D 59 -25.50 13.29 21.85
C ASN D 59 -25.13 11.85 22.08
N TYR D 60 -26.09 11.04 22.52
CA TYR D 60 -25.82 9.66 22.88
C TYR D 60 -26.83 8.69 22.26
N ALA D 61 -26.40 7.44 22.05
CA ALA D 61 -27.33 6.37 21.71
C ALA D 61 -28.31 6.15 22.88
N ASP D 62 -29.56 5.86 22.57
CA ASP D 62 -30.57 5.72 23.61
C ASP D 62 -30.21 4.64 24.64
N SER D 63 -29.39 3.68 24.24
CA SER D 63 -29.08 2.56 25.11
C SER D 63 -28.07 2.96 26.18
N VAL D 64 -27.67 4.22 26.18
CA VAL D 64 -26.46 4.60 26.88
C VAL D 64 -26.65 5.97 27.57
N LYS D 65 -27.77 6.61 27.25
CA LYS D 65 -28.06 7.95 27.75
C LYS D 65 -28.12 7.97 29.28
N GLY D 66 -27.56 9.02 29.87
CA GLY D 66 -27.65 9.20 31.31
C GLY D 66 -26.75 8.31 32.13
N ARG D 67 -26.23 7.22 31.55
CA ARG D 67 -25.26 6.38 32.22
C ARG D 67 -23.83 6.70 31.75
N PHE D 68 -23.68 7.04 30.47
CA PHE D 68 -22.36 7.31 29.87
C PHE D 68 -22.21 8.81 29.67
N THR D 69 -21.00 9.33 29.86
CA THR D 69 -20.78 10.77 29.73
C THR D 69 -19.53 11.00 28.91
N ILE D 70 -19.65 11.80 27.87
CA ILE D 70 -18.50 12.07 27.01
C ILE D 70 -18.00 13.47 27.29
N SER D 71 -16.72 13.57 27.61
CA SER D 71 -16.10 14.88 27.86
C SER D 71 -14.75 14.95 27.17
N ALA D 72 -14.10 16.10 27.27
CA ALA D 72 -12.76 16.29 26.72
C ALA D 72 -11.97 17.30 27.56
N ASP D 73 -10.65 17.13 27.57
CA ASP D 73 -9.74 18.05 28.23
C ASP D 73 -8.75 18.54 27.17
N THR D 74 -8.89 19.81 26.82
CA THR D 74 -8.08 20.37 25.74
C THR D 74 -6.63 20.48 26.16
N SER D 75 -6.41 20.74 27.45
CA SER D 75 -5.07 20.76 28.00
C SER D 75 -4.36 19.45 27.68
N LYS D 76 -5.00 18.32 27.99
CA LYS D 76 -4.40 17.02 27.79
C LYS D 76 -4.62 16.46 26.38
N ASN D 77 -5.34 17.21 25.54
CA ASN D 77 -5.72 16.72 24.21
C ASN D 77 -6.34 15.31 24.28
N THR D 78 -7.22 15.12 25.25
CA THR D 78 -7.73 13.79 25.57
C THR D 78 -9.24 13.82 25.73
N ALA D 79 -9.90 12.80 25.19
CA ALA D 79 -11.35 12.66 25.32
C ALA D 79 -11.63 11.49 26.25
N TYR D 80 -12.81 11.49 26.88
CA TYR D 80 -13.16 10.47 27.87
C TYR D 80 -14.57 9.92 27.71
N LEU D 81 -14.74 8.66 28.07
CA LEU D 81 -16.07 8.10 28.20
C LEU D 81 -16.21 7.57 29.63
N GLN D 82 -16.94 8.32 30.45
CA GLN D 82 -17.27 7.89 31.79
C GLN D 82 -18.44 6.97 31.72
N MET D 83 -18.24 5.72 32.08
CA MET D 83 -19.32 4.73 32.09
C MET D 83 -19.76 4.45 33.51
N ASN D 84 -21.02 4.75 33.81
CA ASN D 84 -21.59 4.43 35.12
C ASN D 84 -22.72 3.40 34.98
N SER D 85 -23.04 2.68 36.06
CA SER D 85 -24.15 1.72 36.03
C SER D 85 -24.02 0.71 34.90
N LEU D 86 -22.86 0.06 34.85
CA LEU D 86 -22.53 -0.85 33.77
C LEU D 86 -23.29 -2.17 33.89
N ARG D 87 -23.69 -2.73 32.76
CA ARG D 87 -24.31 -4.05 32.79
C ARG D 87 -23.55 -4.99 31.88
N ALA D 88 -23.87 -6.27 31.98
CA ALA D 88 -23.17 -7.28 31.22
C ALA D 88 -23.19 -6.97 29.73
N GLU D 89 -24.28 -6.37 29.23
CA GLU D 89 -24.40 -6.12 27.80
C GLU D 89 -23.71 -4.83 27.37
N ASP D 90 -22.93 -4.21 28.27
CA ASP D 90 -22.02 -3.14 27.84
C ASP D 90 -20.69 -3.75 27.50
N THR D 91 -20.54 -5.05 27.72
CA THR D 91 -19.30 -5.76 27.36
C THR D 91 -18.97 -5.59 25.86
N ALA D 92 -17.83 -5.00 25.53
CA ALA D 92 -17.47 -4.75 24.13
C ALA D 92 -16.05 -4.20 23.99
N VAL D 93 -15.53 -4.18 22.76
CA VAL D 93 -14.38 -3.33 22.48
C VAL D 93 -14.90 -1.89 22.24
N TYR D 94 -14.33 -0.91 22.94
CA TYR D 94 -14.74 0.49 22.73
C TYR D 94 -13.73 1.26 21.90
N TYR D 95 -14.21 1.79 20.78
CA TYR D 95 -13.40 2.64 19.88
C TYR D 95 -13.76 4.10 20.04
N CYS D 96 -12.74 4.96 20.00
CA CYS D 96 -12.96 6.38 19.85
C CYS D 96 -12.52 6.74 18.45
N ALA D 97 -13.17 7.74 17.88
CA ALA D 97 -12.90 8.13 16.50
C ALA D 97 -12.87 9.64 16.39
N ARG D 98 -11.86 10.17 15.71
CA ARG D 98 -11.85 11.60 15.46
C ARG D 98 -13.04 11.88 14.58
N THR D 99 -13.79 12.92 14.93
CA THR D 99 -15.03 13.19 14.23
C THR D 99 -15.15 14.65 13.81
N TYR D 100 -15.30 14.87 12.52
CA TYR D 100 -15.53 16.22 12.06
C TYR D 100 -16.94 16.34 11.49
N GLY D 101 -17.37 17.57 11.18
CA GLY D 101 -18.69 17.79 10.62
C GLY D 101 -18.75 18.37 9.21
N ILE D 102 -19.77 17.97 8.44
CA ILE D 102 -20.07 18.59 7.14
C ILE D 102 -21.25 19.56 7.34
N TYR D 103 -20.99 20.86 7.24
CA TYR D 103 -22.03 21.84 7.52
C TYR D 103 -22.61 22.38 6.20
N ASP D 104 -23.92 22.18 6.06
CA ASP D 104 -24.64 22.46 4.85
C ASP D 104 -25.97 23.18 5.19
N LEU D 105 -26.12 24.44 4.77
CA LEU D 105 -27.32 25.23 5.02
C LEU D 105 -28.57 24.55 4.51
N TYR D 106 -28.40 23.79 3.45
CA TYR D 106 -29.49 23.13 2.75
C TYR D 106 -30.25 22.08 3.56
N VAL D 107 -29.63 21.56 4.61
CA VAL D 107 -30.27 20.54 5.42
C VAL D 107 -30.31 20.85 6.90
N ASP D 108 -30.99 19.97 7.62
CA ASP D 108 -31.38 20.10 9.02
C ASP D 108 -30.34 19.71 10.03
N TYR D 109 -29.30 19.05 9.55
CA TYR D 109 -28.34 18.39 10.41
C TYR D 109 -26.93 18.60 9.94
N THR D 110 -26.01 18.41 10.88
CA THR D 110 -24.60 18.30 10.59
C THR D 110 -24.31 16.84 10.28
N GLU D 111 -23.71 16.58 9.13
CA GLU D 111 -23.28 15.22 8.80
C GLU D 111 -21.90 15.01 9.40
N TYR D 112 -21.80 14.06 10.32
CA TYR D 112 -20.54 13.83 11.00
C TYR D 112 -19.79 12.65 10.41
N VAL D 113 -18.50 12.82 10.17
CA VAL D 113 -17.67 11.75 9.61
C VAL D 113 -16.63 11.30 10.66
N MET D 114 -16.66 10.02 10.99
CA MET D 114 -15.72 9.43 11.92
C MET D 114 -14.57 8.84 11.10
N ASP D 115 -13.55 9.66 10.85
CA ASP D 115 -12.56 9.33 9.83
C ASP D 115 -11.34 8.62 10.37
N TYR D 116 -11.04 8.75 11.67
CA TYR D 116 -9.90 8.03 12.18
C TYR D 116 -10.12 7.43 13.60
N TRP D 117 -10.06 6.10 13.70
CA TRP D 117 -10.37 5.43 14.96
C TRP D 117 -9.13 4.90 15.68
N GLY D 118 -9.15 4.93 17.02
CA GLY D 118 -8.12 4.30 17.81
C GLY D 118 -8.29 2.79 17.73
N GLN D 119 -7.36 2.03 18.30
CA GLN D 119 -7.41 0.58 18.14
C GLN D 119 -8.37 -0.09 19.10
N GLY D 120 -8.84 0.64 20.09
CA GLY D 120 -9.90 0.07 20.89
C GLY D 120 -9.37 -0.54 22.16
N THR D 121 -10.22 -0.52 23.18
CA THR D 121 -9.90 -1.13 24.45
C THR D 121 -11.07 -2.03 24.81
N LEU D 122 -10.75 -3.17 25.42
CA LEU D 122 -11.77 -4.15 25.72
C LEU D 122 -12.33 -3.93 27.13
N VAL D 123 -13.66 -3.76 27.21
CA VAL D 123 -14.34 -3.67 28.49
C VAL D 123 -15.17 -4.94 28.73
N THR D 124 -14.91 -5.63 29.85
CA THR D 124 -15.71 -6.80 30.25
C THR D 124 -16.48 -6.54 31.54
N VAL D 125 -17.80 -6.58 31.46
CA VAL D 125 -18.64 -6.38 32.64
C VAL D 125 -19.14 -7.73 33.10
N SER D 126 -18.74 -8.11 34.31
CA SER D 126 -19.05 -9.43 34.86
C SER D 126 -18.80 -9.43 36.36
N SER D 127 -19.57 -10.23 37.09
CA SER D 127 -19.39 -10.33 38.53
C SER D 127 -18.30 -11.34 38.85
N ALA D 128 -17.91 -12.12 37.85
CA ALA D 128 -16.92 -13.18 38.07
C ALA D 128 -15.51 -12.64 38.25
N SER D 129 -14.73 -13.42 39.02
CA SER D 129 -13.39 -13.02 39.40
C SER D 129 -12.34 -13.36 38.37
N THR D 130 -11.25 -12.60 38.39
CA THR D 130 -10.09 -12.94 37.59
C THR D 130 -9.66 -14.36 37.93
N LYS D 131 -9.40 -15.17 36.91
CA LYS D 131 -8.90 -16.52 37.09
C LYS D 131 -7.80 -16.85 36.08
N GLY D 132 -6.66 -17.35 36.55
CA GLY D 132 -5.61 -17.82 35.66
C GLY D 132 -5.91 -19.20 35.11
N PRO D 133 -5.39 -19.51 33.92
CA PRO D 133 -5.58 -20.78 33.20
C PRO D 133 -4.71 -21.93 33.68
N SER D 134 -5.22 -23.16 33.55
CA SER D 134 -4.34 -24.31 33.67
C SER D 134 -3.80 -24.55 32.27
N VAL D 135 -2.50 -24.81 32.17
CA VAL D 135 -1.89 -25.09 30.88
C VAL D 135 -1.54 -26.56 30.76
N PHE D 136 -2.16 -27.24 29.79
CA PHE D 136 -1.93 -28.67 29.58
C PHE D 136 -1.32 -28.93 28.20
N PRO D 137 -0.41 -29.91 28.11
CA PRO D 137 0.21 -30.23 26.83
C PRO D 137 -0.69 -31.06 25.92
N LEU D 138 -0.52 -30.85 24.61
CA LEU D 138 -1.12 -31.68 23.55
C LEU D 138 0.00 -32.51 22.89
N ALA D 139 0.17 -33.74 23.35
CA ALA D 139 1.35 -34.51 22.99
C ALA D 139 1.26 -35.01 21.55
N PRO D 140 2.40 -34.95 20.84
CA PRO D 140 2.53 -35.49 19.48
C PRO D 140 2.39 -37.00 19.50
N SER D 141 1.55 -37.56 18.63
CA SER D 141 1.31 -39.00 18.58
C SER D 141 2.50 -39.74 17.98
N GLY D 148 5.93 -36.83 6.92
CA GLY D 148 6.63 -36.79 8.20
C GLY D 148 6.35 -35.55 9.02
N THR D 149 5.06 -35.19 9.13
CA THR D 149 4.66 -34.01 9.89
C THR D 149 3.98 -34.44 11.19
N ALA D 150 4.32 -33.79 12.29
CA ALA D 150 3.67 -34.06 13.57
C ALA D 150 2.99 -32.79 14.10
N ALA D 151 1.82 -32.95 14.70
CA ALA D 151 1.16 -31.83 15.38
C ALA D 151 1.25 -31.97 16.89
N LEU D 152 1.65 -30.90 17.55
CA LEU D 152 1.69 -30.87 19.01
C LEU D 152 1.19 -29.50 19.46
N GLY D 153 0.95 -29.33 20.75
CA GLY D 153 0.51 -28.03 21.21
C GLY D 153 0.21 -27.92 22.69
N CYS D 154 -0.48 -26.84 23.03
CA CYS D 154 -0.84 -26.52 24.40
C CYS D 154 -2.31 -26.22 24.55
N LEU D 155 -2.91 -26.75 25.60
CA LEU D 155 -4.29 -26.42 25.92
C LEU D 155 -4.27 -25.39 27.05
N VAL D 156 -4.87 -24.22 26.81
CA VAL D 156 -4.94 -23.15 27.79
C VAL D 156 -6.38 -23.00 28.25
N LYS D 157 -6.69 -23.56 29.41
CA LYS D 157 -8.07 -23.76 29.83
C LYS D 157 -8.48 -23.00 31.11
N ASP D 158 -9.73 -22.58 31.15
CA ASP D 158 -10.39 -21.99 32.33
C ASP D 158 -9.77 -20.73 32.87
N TYR D 159 -9.72 -19.68 32.04
CA TYR D 159 -9.25 -18.36 32.47
C TYR D 159 -10.31 -17.29 32.25
N PHE D 160 -10.13 -16.18 32.96
CA PHE D 160 -11.04 -15.05 32.88
C PHE D 160 -10.28 -13.85 33.40
N PRO D 161 -10.31 -12.72 32.67
CA PRO D 161 -10.98 -12.46 31.39
C PRO D 161 -10.03 -12.66 30.26
N GLU D 162 -10.40 -12.23 29.05
CA GLU D 162 -9.44 -12.12 27.96
C GLU D 162 -8.42 -11.03 28.33
N PRO D 163 -7.24 -11.03 27.70
CA PRO D 163 -6.75 -12.02 26.75
C PRO D 163 -5.66 -12.89 27.37
N VAL D 164 -5.20 -13.85 26.59
CA VAL D 164 -4.04 -14.63 26.94
C VAL D 164 -3.03 -14.49 25.76
N THR D 165 -1.75 -14.73 26.00
CA THR D 165 -0.80 -14.80 24.90
C THR D 165 -0.06 -16.12 24.97
N VAL D 166 0.07 -16.76 23.80
CA VAL D 166 0.85 -17.98 23.63
C VAL D 166 1.95 -17.75 22.60
N SER D 167 3.19 -18.01 22.98
CA SER D 167 4.27 -18.07 22.00
C SER D 167 4.93 -19.43 22.12
N TRP D 168 5.74 -19.78 21.14
CA TRP D 168 6.45 -21.03 21.17
C TRP D 168 7.94 -20.76 21.15
N ASN D 169 8.64 -21.45 22.05
CA ASN D 169 10.09 -21.39 22.16
C ASN D 169 10.59 -19.96 22.24
N SER D 170 9.99 -19.19 23.16
CA SER D 170 10.31 -17.79 23.32
C SER D 170 10.19 -17.03 22.01
N GLY D 171 9.23 -17.44 21.18
CA GLY D 171 8.95 -16.74 19.95
C GLY D 171 9.94 -17.01 18.82
N ALA D 172 10.76 -18.06 18.95
CA ALA D 172 11.67 -18.46 17.87
C ALA D 172 10.97 -19.38 16.85
N LEU D 173 9.97 -20.12 17.32
CA LEU D 173 9.17 -20.95 16.43
C LEU D 173 7.88 -20.24 16.14
N THR D 174 7.65 -19.84 14.89
CA THR D 174 6.44 -19.10 14.55
C THR D 174 5.71 -19.74 13.35
N SER D 175 6.44 -20.46 12.51
CA SER D 175 5.83 -21.09 11.34
C SER D 175 5.10 -22.38 11.75
N GLY D 176 3.94 -22.62 11.14
CA GLY D 176 3.10 -23.76 11.45
C GLY D 176 2.24 -23.58 12.70
N VAL D 177 2.43 -22.47 13.42
CA VAL D 177 1.66 -22.22 14.63
C VAL D 177 0.24 -21.67 14.40
N HIS D 178 -0.76 -22.39 14.89
CA HIS D 178 -2.13 -21.86 14.94
C HIS D 178 -2.58 -21.72 16.39
N THR D 179 -2.90 -20.48 16.77
CA THR D 179 -3.48 -20.20 18.07
C THR D 179 -4.94 -19.83 17.90
N PHE D 180 -5.80 -20.73 18.34
CA PHE D 180 -7.23 -20.58 18.13
C PHE D 180 -7.80 -19.49 19.01
N PRO D 181 -8.83 -18.78 18.53
CA PRO D 181 -9.58 -17.79 19.32
C PRO D 181 -10.14 -18.45 20.56
N ALA D 182 -10.20 -17.75 21.68
CA ALA D 182 -10.84 -18.33 22.87
C ALA D 182 -12.34 -18.55 22.68
N VAL D 183 -12.84 -19.68 23.16
CA VAL D 183 -14.27 -19.80 23.25
C VAL D 183 -14.65 -19.69 24.74
N LEU D 184 -15.82 -19.12 24.97
CA LEU D 184 -16.46 -19.13 26.27
C LEU D 184 -17.10 -20.46 26.51
N GLN D 185 -16.64 -21.15 27.53
CA GLN D 185 -17.27 -22.38 27.97
C GLN D 185 -18.54 -22.00 28.73
N SER D 186 -19.41 -22.98 28.96
CA SER D 186 -20.67 -22.72 29.63
C SER D 186 -20.47 -22.33 31.08
N SER D 187 -19.27 -22.60 31.60
CA SER D 187 -18.92 -22.20 32.96
C SER D 187 -18.74 -20.70 33.04
N GLY D 188 -18.56 -20.05 31.88
CA GLY D 188 -18.29 -18.62 31.82
C GLY D 188 -16.80 -18.34 31.77
N LEU D 189 -16.00 -19.40 31.64
CA LEU D 189 -14.55 -19.28 31.55
C LEU D 189 -14.07 -19.60 30.14
N TYR D 190 -13.01 -18.92 29.71
CA TYR D 190 -12.46 -19.10 28.38
C TYR D 190 -11.51 -20.28 28.31
N SER D 191 -11.39 -20.83 27.11
CA SER D 191 -10.42 -21.88 26.84
C SER D 191 -9.96 -21.75 25.41
N LEU D 192 -8.68 -21.97 25.17
CA LEU D 192 -8.20 -22.06 23.81
C LEU D 192 -7.05 -23.07 23.70
N SER D 193 -6.75 -23.51 22.48
CA SER D 193 -5.57 -24.36 22.26
C SER D 193 -4.65 -23.68 21.29
N SER D 194 -3.35 -23.93 21.43
CA SER D 194 -2.39 -23.40 20.50
C SER D 194 -1.57 -24.57 19.97
N VAL D 195 -1.64 -24.78 18.65
CA VAL D 195 -1.02 -25.95 18.03
C VAL D 195 0.08 -25.52 17.08
N VAL D 196 1.00 -26.44 16.79
CA VAL D 196 2.02 -26.19 15.78
C VAL D 196 2.43 -27.51 15.13
N THR D 197 2.62 -27.49 13.82
CA THR D 197 3.16 -28.66 13.12
C THR D 197 4.68 -28.54 12.96
N VAL D 198 5.38 -29.62 13.30
CA VAL D 198 6.82 -29.77 13.13
C VAL D 198 7.14 -31.12 12.46
N PRO D 199 8.38 -31.28 11.93
CA PRO D 199 8.80 -32.58 11.37
C PRO D 199 8.89 -33.70 12.42
N SER D 200 8.54 -34.92 12.03
CA SER D 200 8.61 -36.07 12.93
C SER D 200 10.03 -36.31 13.41
N SER D 201 11.00 -35.82 12.64
CA SER D 201 12.40 -36.02 12.96
C SER D 201 12.93 -35.04 14.00
N SER D 202 12.22 -33.93 14.20
CA SER D 202 12.64 -32.92 15.18
C SER D 202 12.17 -33.28 16.59
N LEU D 203 11.26 -34.27 16.68
CA LEU D 203 10.76 -34.74 17.96
C LEU D 203 11.87 -35.37 18.80
N GLY D 204 11.89 -35.07 20.10
CA GLY D 204 12.95 -35.50 20.99
C GLY D 204 14.21 -34.62 20.93
N THR D 205 14.78 -34.52 19.72
CA THR D 205 15.91 -33.64 19.46
C THR D 205 15.62 -32.17 19.82
N GLN D 206 14.66 -31.58 19.11
CA GLN D 206 14.23 -30.23 19.41
C GLN D 206 13.24 -30.22 20.56
N THR D 207 13.47 -29.32 21.51
CA THR D 207 12.55 -29.16 22.63
C THR D 207 11.44 -28.18 22.23
N TYR D 208 10.21 -28.49 22.60
CA TYR D 208 9.11 -27.64 22.21
C TYR D 208 8.38 -27.15 23.44
N ILE D 209 8.46 -25.85 23.67
CA ILE D 209 7.91 -25.20 24.86
C ILE D 209 6.90 -24.11 24.45
N CYS D 210 5.74 -24.13 25.09
CA CYS D 210 4.78 -23.05 24.82
C CYS D 210 4.89 -22.06 25.97
N ASN D 211 4.88 -20.78 25.61
CA ASN D 211 5.02 -19.75 26.62
C ASN D 211 3.68 -19.05 26.75
N VAL D 212 3.02 -19.27 27.89
CA VAL D 212 1.67 -18.75 28.10
C VAL D 212 1.68 -17.63 29.16
N ASN D 213 1.05 -16.52 28.84
CA ASN D 213 0.85 -15.44 29.78
C ASN D 213 -0.59 -15.03 29.89
N HIS D 214 -1.03 -14.83 31.12
CA HIS D 214 -2.31 -14.22 31.39
C HIS D 214 -2.11 -13.06 32.36
N LYS D 215 -1.91 -11.85 31.83
CA LYS D 215 -1.59 -10.68 32.66
C LYS D 215 -2.61 -10.37 33.77
N PRO D 216 -3.93 -10.47 33.50
CA PRO D 216 -4.83 -10.15 34.61
C PRO D 216 -4.58 -10.95 35.90
N SER D 217 -4.17 -12.20 35.80
CA SER D 217 -3.94 -12.98 37.01
C SER D 217 -2.45 -13.11 37.33
N ASN D 218 -1.61 -12.46 36.53
CA ASN D 218 -0.15 -12.59 36.61
C ASN D 218 0.32 -14.05 36.46
N THR D 219 -0.38 -14.83 35.66
CA THR D 219 -0.01 -16.22 35.43
C THR D 219 0.97 -16.31 34.26
N LYS D 220 2.06 -17.02 34.47
CA LYS D 220 3.03 -17.28 33.42
C LYS D 220 3.40 -18.74 33.49
N VAL D 221 3.11 -19.49 32.43
CA VAL D 221 3.51 -20.91 32.38
C VAL D 221 4.36 -21.18 31.13
N ASP D 222 5.48 -21.88 31.32
CA ASP D 222 6.32 -22.41 30.23
C ASP D 222 6.25 -23.93 30.19
N LYS D 223 5.25 -24.50 29.52
CA LYS D 223 5.13 -25.96 29.50
C LYS D 223 5.89 -26.58 28.33
N LYS D 224 6.72 -27.57 28.67
CA LYS D 224 7.43 -28.38 27.69
C LYS D 224 6.47 -29.43 27.14
N VAL D 225 6.49 -29.61 25.82
CA VAL D 225 5.62 -30.59 25.18
C VAL D 225 6.48 -31.66 24.52
N GLU D 226 6.20 -32.91 24.85
CA GLU D 226 7.03 -34.01 24.38
C GLU D 226 6.16 -35.23 24.18
N PRO D 227 6.64 -36.20 23.38
CA PRO D 227 5.88 -37.43 23.16
C PRO D 227 5.72 -38.19 24.47
N LYS D 228 4.52 -38.66 24.79
CA LYS D 228 4.33 -39.43 26.02
C LYS D 228 4.82 -40.87 25.82
N SER D 229 5.24 -41.52 26.92
CA SER D 229 5.77 -42.88 26.85
C SER D 229 4.74 -43.93 27.31
N CYS D 230 5.23 -45.12 27.65
CA CYS D 230 4.38 -46.25 28.07
C CYS D 230 3.35 -46.63 26.99
N ASP E 1 23.31 -9.18 -29.64
CA ASP E 1 22.70 -9.35 -28.33
C ASP E 1 21.27 -9.86 -28.41
N ILE E 2 20.65 -10.01 -27.25
CA ILE E 2 19.22 -10.24 -27.23
C ILE E 2 18.50 -8.91 -27.09
N GLN E 3 17.91 -8.45 -28.18
CA GLN E 3 17.20 -7.19 -28.19
C GLN E 3 15.81 -7.33 -27.60
N MET E 4 15.46 -6.47 -26.64
CA MET E 4 14.11 -6.43 -26.11
C MET E 4 13.38 -5.19 -26.64
N THR E 5 12.19 -5.40 -27.18
CA THR E 5 11.36 -4.32 -27.71
C THR E 5 10.05 -4.25 -26.96
N GLN E 6 9.81 -3.13 -26.28
CA GLN E 6 8.56 -2.89 -25.55
C GLN E 6 7.57 -2.11 -26.40
N SER E 7 6.30 -2.44 -26.27
CA SER E 7 5.28 -1.67 -26.95
C SER E 7 4.06 -1.60 -26.05
N PRO E 8 3.43 -0.42 -25.97
CA PRO E 8 3.84 0.83 -26.64
C PRO E 8 4.99 1.55 -25.89
N SER E 9 5.50 2.63 -26.45
CA SER E 9 6.59 3.37 -25.82
C SER E 9 6.04 4.19 -24.68
N SER E 10 4.84 4.72 -24.88
CA SER E 10 4.17 5.53 -23.87
C SER E 10 2.69 5.35 -24.02
N LEU E 11 1.94 5.54 -22.96
CA LEU E 11 0.51 5.43 -23.10
C LEU E 11 -0.21 6.28 -22.05
N SER E 12 -1.41 6.74 -22.40
CA SER E 12 -2.23 7.51 -21.49
C SER E 12 -3.43 6.69 -21.03
N ALA E 13 -3.55 6.45 -19.73
CA ALA E 13 -4.68 5.67 -19.29
C ALA E 13 -5.34 6.29 -18.08
N SER E 14 -6.64 6.09 -17.93
CA SER E 14 -7.38 6.61 -16.78
C SER E 14 -7.21 5.67 -15.62
N VAL E 15 -7.48 6.16 -14.41
CA VAL E 15 -7.46 5.32 -13.22
C VAL E 15 -8.53 4.23 -13.31
N GLY E 16 -8.19 3.05 -12.83
CA GLY E 16 -9.08 1.91 -12.88
C GLY E 16 -9.01 1.18 -14.21
N ASP E 17 -8.29 1.73 -15.17
CA ASP E 17 -8.19 1.11 -16.49
C ASP E 17 -7.34 -0.16 -16.47
N ARG E 18 -7.57 -1.01 -17.46
CA ARG E 18 -6.74 -2.19 -17.67
C ARG E 18 -5.66 -1.86 -18.70
N VAL E 19 -4.42 -2.16 -18.31
CA VAL E 19 -3.26 -1.81 -19.13
C VAL E 19 -2.40 -3.02 -19.44
N THR E 20 -2.06 -3.13 -20.73
CA THR E 20 -1.23 -4.19 -21.22
C THR E 20 -0.01 -3.59 -21.87
N ILE E 21 1.14 -4.08 -21.47
CA ILE E 21 2.41 -3.69 -22.05
C ILE E 21 3.07 -4.94 -22.59
N THR E 22 3.52 -4.94 -23.85
CA THR E 22 4.11 -6.14 -24.39
C THR E 22 5.62 -6.01 -24.59
N CYS E 23 6.32 -7.13 -24.45
CA CYS E 23 7.77 -7.18 -24.56
C CYS E 23 8.13 -8.33 -25.49
N ARG E 24 8.81 -8.02 -26.59
CA ARG E 24 9.26 -9.04 -27.49
C ARG E 24 10.77 -9.16 -27.53
N ALA E 25 11.24 -10.39 -27.50
CA ALA E 25 12.66 -10.66 -27.53
C ALA E 25 13.08 -11.09 -28.91
N SER E 26 14.29 -10.74 -29.30
CA SER E 26 14.74 -11.04 -30.67
C SER E 26 15.00 -12.53 -30.84
N GLN E 27 15.05 -13.26 -29.73
CA GLN E 27 15.22 -14.71 -29.78
C GLN E 27 14.67 -15.31 -28.51
N ASP E 28 14.43 -16.63 -28.54
CA ASP E 28 13.81 -17.36 -27.45
C ASP E 28 14.54 -17.16 -26.09
N VAL E 29 13.81 -16.68 -25.09
CA VAL E 29 14.40 -16.49 -23.77
C VAL E 29 13.67 -17.35 -22.75
N ASP E 30 12.82 -18.25 -23.24
CA ASP E 30 12.06 -19.18 -22.38
C ASP E 30 11.09 -18.41 -21.52
N THR E 31 11.18 -18.53 -20.20
CA THR E 31 10.44 -17.62 -19.33
C THR E 31 11.41 -16.77 -18.49
N SER E 32 12.62 -16.56 -19.00
CA SER E 32 13.62 -15.82 -18.25
C SER E 32 13.47 -14.32 -18.51
N LEU E 33 12.48 -13.74 -17.86
CA LEU E 33 12.09 -12.38 -18.15
C LEU E 33 11.53 -11.71 -16.91
N ALA E 34 12.01 -10.50 -16.64
CA ALA E 34 11.58 -9.78 -15.46
C ALA E 34 10.99 -8.46 -15.90
N TRP E 35 10.07 -7.93 -15.07
CA TRP E 35 9.47 -6.62 -15.27
C TRP E 35 9.81 -5.70 -14.12
N TYR E 36 10.24 -4.48 -14.44
CA TYR E 36 10.53 -3.48 -13.42
C TYR E 36 9.62 -2.24 -13.52
N LYS E 37 9.33 -1.68 -12.36
CA LYS E 37 8.67 -0.39 -12.28
C LYS E 37 9.62 0.66 -11.73
N GLN E 38 9.69 1.81 -12.37
CA GLN E 38 10.52 2.88 -11.83
C GLN E 38 9.81 4.24 -11.82
N LYS E 39 9.63 4.78 -10.62
CA LYS E 39 9.17 6.14 -10.47
C LYS E 39 10.36 7.05 -10.72
N PRO E 40 10.15 8.22 -11.35
CA PRO E 40 11.26 9.12 -11.66
C PRO E 40 12.02 9.57 -10.40
N GLY E 41 13.34 9.42 -10.42
CA GLY E 41 14.19 9.82 -9.31
C GLY E 41 14.50 8.69 -8.34
N LYS E 42 13.76 7.60 -8.48
CA LYS E 42 13.93 6.43 -7.62
C LYS E 42 14.52 5.23 -8.34
N ALA E 43 14.90 4.24 -7.57
CA ALA E 43 15.39 2.98 -8.08
C ALA E 43 14.27 2.20 -8.71
N PRO E 44 14.62 1.36 -9.69
CA PRO E 44 13.61 0.42 -10.19
C PRO E 44 13.18 -0.54 -9.07
N LYS E 45 11.94 -1.01 -9.15
CA LYS E 45 11.43 -2.02 -8.22
C LYS E 45 10.96 -3.25 -8.99
N LEU E 46 11.30 -4.42 -8.47
CA LEU E 46 10.95 -5.63 -9.20
C LEU E 46 9.48 -5.94 -8.99
N LEU E 47 8.77 -6.20 -10.09
CA LEU E 47 7.36 -6.59 -10.07
C LEU E 47 7.15 -8.09 -10.30
N ILE E 48 7.75 -8.57 -11.39
CA ILE E 48 7.58 -9.93 -11.89
C ILE E 48 8.97 -10.50 -12.25
N TYR E 49 9.23 -11.76 -11.89
CA TYR E 49 10.44 -12.46 -12.34
C TYR E 49 10.02 -13.81 -12.92
N SER E 50 10.88 -14.40 -13.75
CA SER E 50 10.58 -15.66 -14.43
C SER E 50 9.25 -15.57 -15.17
N ALA E 51 9.02 -14.41 -15.76
CA ALA E 51 7.91 -14.13 -16.68
C ALA E 51 6.53 -13.96 -16.00
N SER E 52 6.26 -14.73 -14.95
CA SER E 52 4.91 -14.76 -14.37
C SER E 52 4.87 -14.84 -12.85
N PHE E 53 6.01 -14.68 -12.18
CA PHE E 53 6.04 -14.76 -10.72
C PHE E 53 5.98 -13.37 -10.14
N LEU E 54 5.00 -13.12 -9.27
CA LEU E 54 4.85 -11.82 -8.64
C LEU E 54 5.82 -11.74 -7.47
N TYR E 55 6.63 -10.68 -7.43
CA TYR E 55 7.57 -10.44 -6.31
C TYR E 55 6.85 -10.04 -5.02
N SER E 56 7.44 -10.36 -3.88
CA SER E 56 6.87 -10.00 -2.56
C SER E 56 6.52 -8.52 -2.45
N GLY E 57 5.34 -8.23 -1.91
CA GLY E 57 4.96 -6.84 -1.67
C GLY E 57 4.37 -6.18 -2.90
N VAL E 58 4.41 -6.86 -4.04
CA VAL E 58 3.88 -6.26 -5.24
C VAL E 58 2.38 -6.57 -5.33
N PRO E 59 1.56 -5.53 -5.49
CA PRO E 59 0.10 -5.68 -5.52
C PRO E 59 -0.37 -6.66 -6.58
N SER E 60 -1.44 -7.40 -6.26
CA SER E 60 -1.87 -8.50 -7.10
C SER E 60 -2.53 -8.05 -8.42
N ARG E 61 -2.74 -6.75 -8.58
CA ARG E 61 -3.27 -6.19 -9.83
C ARG E 61 -2.22 -6.19 -10.96
N PHE E 62 -0.97 -6.44 -10.60
CA PHE E 62 0.10 -6.72 -11.56
C PHE E 62 0.18 -8.22 -11.82
N SER E 63 0.21 -8.58 -13.09
CA SER E 63 0.45 -9.96 -13.48
C SER E 63 1.34 -10.01 -14.74
N GLY E 64 2.10 -11.10 -14.87
CA GLY E 64 2.96 -11.28 -16.03
C GLY E 64 2.70 -12.60 -16.74
N SER E 65 2.83 -12.61 -18.05
CA SER E 65 2.58 -13.81 -18.82
C SER E 65 3.41 -13.80 -20.11
N GLY E 66 3.45 -14.96 -20.77
CA GLY E 66 4.23 -15.11 -21.99
C GLY E 66 5.39 -16.07 -21.86
N SER E 67 5.97 -16.39 -23.01
CA SER E 67 7.13 -17.26 -23.06
C SER E 67 7.71 -17.14 -24.44
N GLY E 68 8.93 -17.62 -24.60
CA GLY E 68 9.57 -17.63 -25.91
C GLY E 68 10.08 -16.26 -26.27
N THR E 69 9.34 -15.57 -27.15
CA THR E 69 9.74 -14.25 -27.61
C THR E 69 8.62 -13.21 -27.44
N ASP E 70 7.55 -13.58 -26.75
CA ASP E 70 6.44 -12.64 -26.52
C ASP E 70 6.01 -12.67 -25.07
N PHE E 71 5.99 -11.49 -24.42
CA PHE E 71 5.66 -11.38 -23.01
C PHE E 71 4.78 -10.16 -22.78
N THR E 72 3.95 -10.20 -21.73
CA THR E 72 3.07 -9.08 -21.43
C THR E 72 3.01 -8.81 -19.92
N LEU E 73 2.99 -7.52 -19.57
CA LEU E 73 2.73 -7.07 -18.21
C LEU E 73 1.31 -6.51 -18.16
N THR E 74 0.48 -7.01 -17.24
CA THR E 74 -0.90 -6.58 -17.18
C THR E 74 -1.19 -5.87 -15.86
N ILE E 75 -1.81 -4.70 -15.95
CA ILE E 75 -2.28 -3.97 -14.77
C ILE E 75 -3.80 -3.90 -14.85
N SER E 76 -4.44 -4.63 -13.95
CA SER E 76 -5.88 -4.88 -14.05
C SER E 76 -6.70 -3.64 -13.74
N SER E 77 -6.38 -2.98 -12.64
CA SER E 77 -7.06 -1.73 -12.27
C SER E 77 -6.01 -0.65 -12.01
N LEU E 78 -5.73 0.16 -13.03
CA LEU E 78 -4.69 1.16 -12.90
C LEU E 78 -4.98 2.10 -11.72
N GLN E 79 -4.06 2.16 -10.77
CA GLN E 79 -4.18 3.10 -9.65
C GLN E 79 -3.30 4.35 -9.87
N PRO E 80 -3.53 5.42 -9.09
CA PRO E 80 -2.67 6.61 -9.28
C PRO E 80 -1.17 6.37 -9.03
N GLU E 81 -0.80 5.42 -8.17
CA GLU E 81 0.62 5.20 -7.91
C GLU E 81 1.27 4.28 -8.98
N ASP E 82 0.47 3.78 -9.91
CA ASP E 82 1.01 2.89 -10.93
C ASP E 82 1.56 3.69 -12.10
N PHE E 83 1.59 5.01 -11.97
CA PHE E 83 2.03 5.83 -13.08
C PHE E 83 3.52 6.11 -13.03
N ALA E 84 4.21 5.49 -14.00
CA ALA E 84 5.67 5.35 -13.97
C ALA E 84 6.18 4.82 -15.31
N THR E 85 7.44 4.42 -15.32
CA THR E 85 8.01 3.75 -16.49
C THR E 85 8.29 2.29 -16.20
N TYR E 86 7.86 1.42 -17.10
CA TYR E 86 8.00 -0.02 -16.89
C TYR E 86 9.05 -0.57 -17.83
N TYR E 87 9.93 -1.41 -17.29
CA TYR E 87 10.99 -2.04 -18.09
C TYR E 87 10.90 -3.54 -18.02
N CYS E 88 11.11 -4.20 -19.16
CA CYS E 88 11.40 -5.63 -19.14
C CYS E 88 12.90 -5.87 -19.25
N GLN E 89 13.32 -7.05 -18.81
CA GLN E 89 14.73 -7.39 -18.82
C GLN E 89 14.82 -8.88 -19.03
N GLN E 90 15.58 -9.31 -20.04
CA GLN E 90 15.76 -10.74 -20.20
C GLN E 90 16.93 -11.15 -19.37
N SER E 91 16.83 -12.33 -18.78
CA SER E 91 17.85 -12.83 -17.86
C SER E 91 18.33 -14.23 -18.25
N THR E 92 18.80 -14.37 -19.50
CA THR E 92 19.38 -15.61 -20.01
C THR E 92 20.88 -15.63 -19.65
N GLY E 93 21.62 -16.62 -20.14
CA GLY E 93 23.07 -16.61 -20.04
C GLY E 93 23.67 -15.56 -20.95
N HIS E 94 22.90 -15.07 -21.91
CA HIS E 94 23.35 -13.93 -22.73
C HIS E 94 23.43 -12.67 -21.84
N PRO E 95 24.32 -11.71 -22.17
CA PRO E 95 24.45 -10.53 -21.32
C PRO E 95 23.10 -9.85 -21.11
N GLN E 96 22.78 -9.46 -19.89
CA GLN E 96 21.44 -8.93 -19.58
C GLN E 96 21.10 -7.69 -20.40
N THR E 97 19.89 -7.65 -20.95
CA THR E 97 19.43 -6.51 -21.72
C THR E 97 18.02 -6.13 -21.28
N PHE E 98 17.73 -4.83 -21.37
CA PHE E 98 16.44 -4.26 -20.99
C PHE E 98 15.68 -3.78 -22.20
N GLY E 99 14.37 -3.62 -22.06
CA GLY E 99 13.60 -2.93 -23.07
C GLY E 99 13.83 -1.44 -22.93
N GLN E 100 13.34 -0.68 -23.91
CA GLN E 100 13.59 0.74 -23.92
C GLN E 100 12.68 1.42 -22.91
N GLY E 101 11.70 0.70 -22.36
CA GLY E 101 10.86 1.27 -21.31
C GLY E 101 9.49 1.70 -21.83
N THR E 102 8.46 1.64 -20.99
CA THR E 102 7.13 2.12 -21.38
C THR E 102 6.64 3.12 -20.36
N LYS E 103 6.44 4.37 -20.79
CA LYS E 103 6.02 5.39 -19.86
C LYS E 103 4.48 5.46 -19.77
N VAL E 104 3.95 5.30 -18.56
CA VAL E 104 2.52 5.34 -18.32
C VAL E 104 2.13 6.67 -17.68
N GLU E 105 1.37 7.50 -18.40
CA GLU E 105 0.88 8.77 -17.89
C GLU E 105 -0.58 8.62 -17.43
N ILE E 106 -1.03 9.55 -16.59
CA ILE E 106 -2.43 9.59 -16.15
C ILE E 106 -3.28 10.41 -17.12
N LYS E 107 -4.41 9.85 -17.54
CA LYS E 107 -5.37 10.63 -18.31
C LYS E 107 -6.24 11.41 -17.32
N ARG E 108 -6.57 12.66 -17.67
CA ARG E 108 -7.54 13.43 -16.91
C ARG E 108 -8.22 14.37 -17.88
N THR E 109 -9.10 15.23 -17.39
CA THR E 109 -9.78 16.16 -18.29
C THR E 109 -8.80 17.24 -18.70
N VAL E 110 -9.04 17.81 -19.87
CA VAL E 110 -8.19 18.89 -20.36
C VAL E 110 -8.24 20.06 -19.36
N ALA E 111 -7.09 20.69 -19.16
CA ALA E 111 -6.99 21.84 -18.27
C ALA E 111 -6.10 22.89 -18.93
N ALA E 112 -6.54 24.14 -18.86
CA ALA E 112 -5.86 25.24 -19.51
C ALA E 112 -4.64 25.67 -18.69
N PRO E 113 -3.56 26.07 -19.39
CA PRO E 113 -2.39 26.64 -18.70
C PRO E 113 -2.66 28.05 -18.18
N SER E 114 -2.19 28.36 -16.99
CA SER E 114 -2.10 29.74 -16.56
C SER E 114 -0.75 30.25 -17.02
N VAL E 115 -0.73 31.27 -17.87
CA VAL E 115 0.53 31.75 -18.43
C VAL E 115 1.04 32.99 -17.69
N PHE E 116 2.33 33.00 -17.37
CA PHE E 116 2.95 34.16 -16.78
C PHE E 116 4.25 34.45 -17.53
N ILE E 117 4.65 35.72 -17.59
CA ILE E 117 5.94 36.07 -18.19
C ILE E 117 6.77 36.88 -17.19
N PHE E 118 8.08 36.63 -17.18
CA PHE E 118 9.01 37.31 -16.29
C PHE E 118 10.16 37.92 -17.07
N PRO E 119 10.42 39.21 -16.85
CA PRO E 119 11.55 39.91 -17.47
C PRO E 119 12.84 39.61 -16.74
N PRO E 120 14.00 39.80 -17.41
CA PRO E 120 15.28 39.61 -16.71
C PRO E 120 15.45 40.59 -15.55
N SER E 121 16.02 40.13 -14.44
CA SER E 121 16.32 41.00 -13.31
C SER E 121 17.37 42.02 -13.72
N ASP E 122 17.46 43.11 -12.96
CA ASP E 122 18.47 44.10 -13.25
C ASP E 122 19.82 43.60 -12.78
N GLU E 123 19.80 42.75 -11.75
CA GLU E 123 21.00 42.07 -11.27
C GLU E 123 21.63 41.29 -12.40
N GLN E 124 20.83 40.50 -13.11
CA GLN E 124 21.36 39.68 -14.19
C GLN E 124 21.88 40.53 -15.34
N LEU E 125 21.31 41.71 -15.54
CA LEU E 125 21.71 42.53 -16.67
C LEU E 125 23.15 43.05 -16.52
N LYS E 126 23.64 43.11 -15.28
CA LYS E 126 25.03 43.48 -15.01
C LYS E 126 26.06 42.47 -15.54
N SER E 127 25.61 41.25 -15.79
CA SER E 127 26.52 40.16 -16.14
C SER E 127 26.71 40.05 -17.66
N GLY E 128 25.84 40.71 -18.44
CA GLY E 128 25.95 40.65 -19.89
C GLY E 128 24.91 39.76 -20.57
N THR E 129 23.93 39.29 -19.80
CA THR E 129 22.96 38.32 -20.32
C THR E 129 21.54 38.60 -19.79
N ALA E 130 20.53 38.36 -20.62
CA ALA E 130 19.14 38.46 -20.17
C ALA E 130 18.40 37.11 -20.32
N SER E 131 17.71 36.69 -19.27
CA SER E 131 16.86 35.51 -19.34
C SER E 131 15.43 35.97 -19.26
N VAL E 132 14.60 35.56 -20.21
CA VAL E 132 13.18 35.89 -20.12
C VAL E 132 12.44 34.59 -19.90
N VAL E 133 11.61 34.57 -18.87
CA VAL E 133 10.96 33.31 -18.49
C VAL E 133 9.43 33.36 -18.71
N CYS E 134 8.94 32.30 -19.34
CA CYS E 134 7.53 32.10 -19.62
C CYS E 134 7.09 30.84 -18.88
N LEU E 135 6.05 30.97 -18.06
CA LEU E 135 5.64 29.88 -17.20
C LEU E 135 4.24 29.42 -17.64
N LEU E 136 4.10 28.13 -17.95
CA LEU E 136 2.80 27.52 -18.23
C LEU E 136 2.43 26.67 -17.03
N ASN E 137 1.39 27.06 -16.32
CA ASN E 137 1.13 26.46 -15.03
C ASN E 137 -0.12 25.58 -14.98
N ASN E 138 0.09 24.35 -14.55
CA ASN E 138 -0.97 23.39 -14.25
C ASN E 138 -1.97 23.13 -15.39
N PHE E 139 -1.46 22.56 -16.49
CA PHE E 139 -2.25 22.25 -17.67
C PHE E 139 -2.26 20.75 -18.00
N TYR E 140 -3.21 20.35 -18.84
CA TYR E 140 -3.28 18.99 -19.40
C TYR E 140 -4.03 19.02 -20.71
N PRO E 141 -3.53 18.30 -21.74
CA PRO E 141 -2.37 17.39 -21.77
C PRO E 141 -1.01 18.09 -21.72
N ARG E 142 0.05 17.29 -21.80
CA ARG E 142 1.43 17.78 -21.79
C ARG E 142 1.77 18.56 -23.05
N GLU E 143 1.13 18.19 -24.15
CA GLU E 143 1.40 18.83 -25.42
C GLU E 143 1.03 20.32 -25.39
N ALA E 144 2.01 21.15 -25.73
CA ALA E 144 1.86 22.60 -25.67
C ALA E 144 2.91 23.20 -26.58
N LYS E 145 2.69 24.43 -27.01
CA LYS E 145 3.62 25.10 -27.91
C LYS E 145 3.85 26.54 -27.44
N VAL E 146 5.12 26.90 -27.31
CA VAL E 146 5.48 28.22 -26.83
C VAL E 146 6.26 28.97 -27.90
N GLN E 147 5.73 30.13 -28.31
CA GLN E 147 6.38 30.97 -29.31
C GLN E 147 6.80 32.29 -28.70
N TRP E 148 8.10 32.56 -28.76
CA TRP E 148 8.65 33.84 -28.34
C TRP E 148 8.63 34.82 -29.51
N LYS E 149 8.20 36.04 -29.23
CA LYS E 149 8.31 37.12 -30.19
C LYS E 149 8.92 38.33 -29.52
N VAL E 150 9.95 38.86 -30.15
CA VAL E 150 10.63 40.07 -29.66
C VAL E 150 10.42 41.21 -30.66
N ASP E 151 9.65 42.20 -30.24
CA ASP E 151 9.09 43.22 -31.15
C ASP E 151 8.39 42.51 -32.32
N ASN E 152 7.53 41.54 -31.99
CA ASN E 152 6.78 40.73 -32.96
C ASN E 152 7.68 40.05 -34.02
N ALA E 153 8.97 39.93 -33.71
CA ALA E 153 9.86 39.11 -34.52
C ALA E 153 9.95 37.73 -33.89
N LEU E 154 9.75 36.69 -34.69
CA LEU E 154 9.78 35.32 -34.19
C LEU E 154 11.16 34.91 -33.68
N GLN E 155 11.22 34.22 -32.55
CA GLN E 155 12.50 33.72 -32.07
C GLN E 155 12.63 32.25 -32.39
N SER E 156 13.84 31.81 -32.73
CA SER E 156 14.14 30.41 -32.94
C SER E 156 15.54 30.08 -32.46
N GLY E 157 15.70 28.97 -31.74
CA GLY E 157 17.01 28.46 -31.37
C GLY E 157 17.60 29.04 -30.09
N ASN E 158 16.93 30.03 -29.49
CA ASN E 158 17.47 30.66 -28.28
C ASN E 158 16.59 30.44 -27.05
N SER E 159 15.85 29.33 -27.03
CA SER E 159 15.00 29.04 -25.87
C SER E 159 15.11 27.59 -25.42
N GLN E 160 14.92 27.37 -24.13
CA GLN E 160 14.88 26.02 -23.61
C GLN E 160 13.64 25.81 -22.74
N GLU E 161 13.04 24.63 -22.91
CA GLU E 161 11.85 24.27 -22.16
C GLU E 161 12.20 23.24 -21.11
N SER E 162 11.47 23.27 -20.02
CA SER E 162 11.57 22.20 -19.05
C SER E 162 10.18 21.95 -18.51
N VAL E 163 9.86 20.66 -18.38
CA VAL E 163 8.52 20.25 -17.98
C VAL E 163 8.61 19.46 -16.71
N THR E 164 7.72 19.75 -15.76
CA THR E 164 7.68 18.98 -14.53
C THR E 164 7.03 17.62 -14.78
N GLU E 165 7.21 16.70 -13.85
CA GLU E 165 6.51 15.44 -13.92
C GLU E 165 5.03 15.66 -13.62
N GLN E 166 4.21 14.67 -13.96
CA GLN E 166 2.79 14.80 -13.74
C GLN E 166 2.52 14.92 -12.25
N ASP E 167 1.82 15.97 -11.86
CA ASP E 167 1.51 16.21 -10.46
C ASP E 167 0.72 15.04 -9.85
N SER E 168 1.03 14.72 -8.59
CA SER E 168 0.38 13.59 -7.94
C SER E 168 -1.08 13.88 -7.60
N LYS E 169 -1.35 15.12 -7.20
CA LYS E 169 -2.71 15.54 -6.83
C LYS E 169 -3.65 15.73 -8.03
N ASP E 170 -3.29 16.62 -8.95
CA ASP E 170 -4.24 17.00 -10.00
C ASP E 170 -3.82 16.53 -11.39
N SER E 171 -2.74 15.75 -11.45
CA SER E 171 -2.31 15.12 -12.69
C SER E 171 -2.00 16.12 -13.81
N THR E 172 -1.68 17.35 -13.45
CA THR E 172 -1.33 18.35 -14.44
C THR E 172 0.18 18.51 -14.59
N TYR E 173 0.57 19.11 -15.71
CA TYR E 173 1.96 19.44 -15.97
C TYR E 173 2.19 20.94 -15.83
N SER E 174 3.42 21.33 -15.54
CA SER E 174 3.82 22.72 -15.65
C SER E 174 5.05 22.76 -16.54
N LEU E 175 5.19 23.86 -17.28
CA LEU E 175 6.30 24.01 -18.21
C LEU E 175 6.90 25.41 -18.05
N SER E 176 8.22 25.49 -18.23
CA SER E 176 8.87 26.79 -18.28
C SER E 176 9.61 26.88 -19.59
N SER E 177 9.59 28.05 -20.21
CA SER E 177 10.39 28.32 -21.38
C SER E 177 11.27 29.50 -21.08
N THR E 178 12.55 29.35 -21.40
CA THR E 178 13.52 30.36 -21.02
C THR E 178 14.22 30.85 -22.30
N LEU E 179 14.07 32.15 -22.56
CA LEU E 179 14.68 32.79 -23.72
C LEU E 179 15.96 33.48 -23.30
N THR E 180 17.07 33.20 -23.98
CA THR E 180 18.33 33.79 -23.52
C THR E 180 18.89 34.76 -24.55
N LEU E 181 19.10 35.99 -24.10
CA LEU E 181 19.58 37.07 -24.96
C LEU E 181 20.74 37.77 -24.29
N SER E 182 21.70 38.21 -25.10
CA SER E 182 22.71 39.14 -24.63
C SER E 182 22.01 40.39 -24.16
N LYS E 183 22.62 41.09 -23.19
CA LYS E 183 22.08 42.35 -22.74
C LYS E 183 21.88 43.31 -23.90
N ALA E 184 22.80 43.28 -24.86
CA ALA E 184 22.80 44.23 -25.99
C ALA E 184 21.60 44.01 -26.87
N ASP E 185 21.28 42.76 -27.19
CA ASP E 185 20.07 42.45 -27.96
C ASP E 185 18.83 42.82 -27.16
N TYR E 186 18.84 42.48 -25.88
CA TYR E 186 17.69 42.73 -25.03
C TYR E 186 17.35 44.22 -24.98
N GLU E 187 18.38 45.07 -25.10
CA GLU E 187 18.15 46.52 -25.02
C GLU E 187 17.88 47.14 -26.38
N LYS E 188 17.98 46.34 -27.43
CA LYS E 188 17.70 46.81 -28.78
C LYS E 188 16.22 46.70 -29.11
N HIS E 189 15.41 46.29 -28.13
CA HIS E 189 14.05 45.88 -28.42
C HIS E 189 13.11 46.16 -27.27
N LYS E 190 11.81 46.23 -27.60
CA LYS E 190 10.83 46.78 -26.68
C LYS E 190 9.83 45.76 -26.16
N VAL E 191 9.30 44.94 -27.05
CA VAL E 191 8.19 44.08 -26.68
C VAL E 191 8.58 42.60 -26.60
N TYR E 192 8.49 42.05 -25.39
CA TYR E 192 8.80 40.64 -25.16
C TYR E 192 7.51 39.91 -24.84
N ALA E 193 7.21 38.91 -25.65
CA ALA E 193 5.94 38.21 -25.55
C ALA E 193 6.13 36.72 -25.80
N CYS E 194 5.35 35.91 -25.08
CA CYS E 194 5.38 34.48 -25.33
C CYS E 194 3.95 34.04 -25.62
N GLU E 195 3.78 33.34 -26.73
CA GLU E 195 2.47 32.90 -27.21
C GLU E 195 2.31 31.41 -26.97
N VAL E 196 1.20 31.03 -26.35
CA VAL E 196 0.99 29.66 -25.89
C VAL E 196 -0.18 28.96 -26.60
N THR E 197 0.13 27.85 -27.25
CA THR E 197 -0.89 27.04 -27.91
C THR E 197 -1.14 25.78 -27.12
N HIS E 198 -2.43 25.52 -26.85
CA HIS E 198 -2.83 24.37 -26.08
C HIS E 198 -4.27 23.97 -26.39
N GLN E 199 -4.55 22.69 -26.28
CA GLN E 199 -5.90 22.15 -26.44
C GLN E 199 -6.94 22.91 -25.63
N GLY E 200 -6.58 23.26 -24.41
CA GLY E 200 -7.49 23.95 -23.51
C GLY E 200 -7.63 25.43 -23.81
N LEU E 201 -7.03 25.87 -24.90
CA LEU E 201 -7.12 27.29 -25.27
C LEU E 201 -7.88 27.48 -26.58
N SER E 202 -9.03 28.14 -26.51
CA SER E 202 -9.85 28.40 -27.69
C SER E 202 -9.03 29.14 -28.75
N SER E 203 -8.24 30.10 -28.28
CA SER E 203 -7.25 30.79 -29.12
C SER E 203 -5.94 30.96 -28.33
N PRO E 204 -4.79 30.95 -29.04
CA PRO E 204 -3.46 31.20 -28.48
C PRO E 204 -3.41 32.40 -27.54
N VAL E 205 -2.91 32.19 -26.32
CA VAL E 205 -2.85 33.26 -25.33
C VAL E 205 -1.44 33.86 -25.32
N THR E 206 -1.36 35.18 -25.32
CA THR E 206 -0.08 35.89 -25.35
C THR E 206 0.09 36.72 -24.10
N LYS E 207 1.19 36.47 -23.39
CA LYS E 207 1.53 37.21 -22.21
C LYS E 207 2.80 38.01 -22.53
N SER E 208 2.84 39.28 -22.13
CA SER E 208 3.92 40.15 -22.60
C SER E 208 4.31 41.29 -21.64
N PHE E 209 5.44 41.92 -21.95
CA PHE E 209 5.90 43.08 -21.22
C PHE E 209 6.74 43.97 -22.11
N ASN E 210 6.80 45.24 -21.73
CA ASN E 210 7.64 46.22 -22.39
C ASN E 210 8.88 46.44 -21.53
N ARG E 211 10.05 46.30 -22.16
CA ARG E 211 11.30 46.49 -21.45
C ARG E 211 11.34 47.87 -20.78
N GLY E 212 11.30 47.87 -19.45
CA GLY E 212 11.37 49.11 -18.68
C GLY E 212 10.15 49.36 -17.81
N GLU E 213 8.98 49.39 -18.44
CA GLU E 213 7.73 49.70 -17.76
C GLU E 213 7.25 48.53 -16.89
N CYS E 214 8.06 48.14 -15.92
CA CYS E 214 7.75 46.97 -15.10
C CYS E 214 8.38 47.10 -13.71
N ASP F 1 -35.91 3.54 14.30
CA ASP F 1 -34.65 4.07 13.81
C ASP F 1 -34.52 4.00 12.29
N ILE F 2 -33.38 4.44 11.78
CA ILE F 2 -33.07 4.18 10.38
C ILE F 2 -32.31 2.87 10.33
N GLN F 3 -32.99 1.83 9.86
CA GLN F 3 -32.39 0.50 9.76
C GLN F 3 -31.56 0.38 8.49
N MET F 4 -30.32 -0.10 8.62
CA MET F 4 -29.47 -0.34 7.44
C MET F 4 -29.37 -1.84 7.18
N THR F 5 -29.66 -2.25 5.96
CA THR F 5 -29.59 -3.65 5.56
C THR F 5 -28.55 -3.84 4.47
N GLN F 6 -27.50 -4.62 4.79
CA GLN F 6 -26.45 -4.95 3.83
C GLN F 6 -26.73 -6.30 3.15
N SER F 7 -26.42 -6.38 1.86
CA SER F 7 -26.51 -7.64 1.16
C SER F 7 -25.36 -7.73 0.16
N PRO F 8 -24.73 -8.91 0.04
CA PRO F 8 -25.01 -10.11 0.85
C PRO F 8 -24.37 -10.04 2.23
N SER F 9 -24.65 -11.02 3.09
CA SER F 9 -24.10 -11.03 4.45
C SER F 9 -22.66 -11.49 4.43
N SER F 10 -22.37 -12.42 3.54
CA SER F 10 -21.03 -12.97 3.40
C SER F 10 -20.86 -13.32 1.94
N LEU F 11 -19.62 -13.30 1.44
CA LEU F 11 -19.40 -13.66 0.06
C LEU F 11 -17.98 -14.22 -0.16
N SER F 12 -17.86 -15.15 -1.10
CA SER F 12 -16.55 -15.71 -1.44
C SER F 12 -16.12 -15.25 -2.83
N ALA F 13 -15.01 -14.56 -2.93
CA ALA F 13 -14.59 -14.07 -4.24
C ALA F 13 -13.11 -14.37 -4.44
N SER F 14 -12.72 -14.54 -5.70
CA SER F 14 -11.32 -14.82 -6.04
C SER F 14 -10.57 -13.52 -6.12
N VAL F 15 -9.25 -13.59 -6.05
CA VAL F 15 -8.44 -12.39 -6.20
C VAL F 15 -8.63 -11.80 -7.60
N GLY F 16 -8.69 -10.47 -7.69
CA GLY F 16 -8.93 -9.82 -8.97
C GLY F 16 -10.41 -9.72 -9.32
N ASP F 17 -11.27 -10.31 -8.49
CA ASP F 17 -12.70 -10.26 -8.79
C ASP F 17 -13.29 -8.87 -8.56
N ARG F 18 -14.40 -8.61 -9.22
CA ARG F 18 -15.17 -7.41 -8.96
C ARG F 18 -16.26 -7.76 -7.93
N VAL F 19 -16.30 -6.97 -6.87
CA VAL F 19 -17.22 -7.21 -5.77
C VAL F 19 -18.14 -6.02 -5.52
N THR F 20 -19.42 -6.31 -5.43
CA THR F 20 -20.41 -5.29 -5.14
C THR F 20 -21.16 -5.69 -3.86
N ILE F 21 -21.21 -4.74 -2.94
CA ILE F 21 -21.91 -4.88 -1.67
C ILE F 21 -22.96 -3.76 -1.63
N THR F 22 -24.21 -4.10 -1.36
CA THR F 22 -25.26 -3.08 -1.37
C THR F 22 -25.77 -2.79 0.03
N CYS F 23 -26.19 -1.55 0.22
CA CYS F 23 -26.69 -1.07 1.50
C CYS F 23 -28.00 -0.34 1.29
N ARG F 24 -29.06 -0.82 1.90
CA ARG F 24 -30.36 -0.17 1.79
C ARG F 24 -30.83 0.41 3.12
N ALA F 25 -31.33 1.63 3.07
CA ALA F 25 -31.81 2.28 4.27
C ALA F 25 -33.32 2.22 4.28
N SER F 26 -33.89 2.14 5.48
CA SER F 26 -35.33 2.02 5.65
C SER F 26 -36.07 3.30 5.30
N GLN F 27 -35.33 4.40 5.17
CA GLN F 27 -35.90 5.68 4.74
C GLN F 27 -34.78 6.51 4.17
N ASP F 28 -35.14 7.56 3.44
CA ASP F 28 -34.19 8.41 2.72
C ASP F 28 -33.06 9.01 3.58
N VAL F 29 -31.82 8.74 3.20
CA VAL F 29 -30.68 9.30 3.93
C VAL F 29 -29.86 10.20 3.03
N ASP F 30 -30.40 10.51 1.84
CA ASP F 30 -29.74 11.42 0.91
C ASP F 30 -28.46 10.81 0.39
N THR F 31 -27.32 11.49 0.58
CA THR F 31 -26.05 10.82 0.35
C THR F 31 -25.27 10.72 1.66
N SER F 32 -25.97 10.71 2.79
CA SER F 32 -25.32 10.71 4.09
C SER F 32 -25.02 9.30 4.54
N LEU F 33 -23.97 8.74 3.94
CA LEU F 33 -23.68 7.34 4.09
C LEU F 33 -22.17 7.08 4.03
N ALA F 34 -21.66 6.29 4.96
CA ALA F 34 -20.22 6.01 5.00
C ALA F 34 -20.01 4.51 4.93
N TRP F 35 -18.86 4.10 4.39
CA TRP F 35 -18.47 2.70 4.36
C TRP F 35 -17.19 2.48 5.16
N TYR F 36 -17.20 1.44 5.98
CA TYR F 36 -16.03 1.08 6.75
C TYR F 36 -15.48 -0.30 6.38
N LYS F 37 -14.18 -0.43 6.44
CA LYS F 37 -13.51 -1.72 6.32
C LYS F 37 -12.92 -2.10 7.67
N GLN F 38 -13.14 -3.33 8.12
CA GLN F 38 -12.52 -3.77 9.37
C GLN F 38 -11.91 -5.17 9.29
N LYS F 39 -10.59 -5.25 9.49
CA LYS F 39 -9.93 -6.52 9.65
C LYS F 39 -10.11 -6.99 11.10
N PRO F 40 -10.22 -8.32 11.31
CA PRO F 40 -10.46 -8.84 12.67
C PRO F 40 -9.36 -8.43 13.65
N GLY F 41 -9.75 -7.85 14.78
CA GLY F 41 -8.81 -7.42 15.79
C GLY F 41 -8.38 -5.95 15.72
N LYS F 42 -8.69 -5.30 14.60
CA LYS F 42 -8.35 -3.89 14.39
C LYS F 42 -9.58 -2.96 14.34
N ALA F 43 -9.31 -1.68 14.41
CA ALA F 43 -10.33 -0.67 14.31
C ALA F 43 -10.88 -0.66 12.92
N PRO F 44 -12.15 -0.24 12.78
CA PRO F 44 -12.64 0.01 11.43
C PRO F 44 -11.84 1.13 10.77
N LYS F 45 -11.77 1.09 9.45
CA LYS F 45 -11.11 2.12 8.64
C LYS F 45 -12.14 2.71 7.68
N LEU F 46 -12.15 4.03 7.57
CA LEU F 46 -13.12 4.67 6.70
C LEU F 46 -12.65 4.54 5.27
N LEU F 47 -13.53 4.11 4.38
CA LEU F 47 -13.22 4.02 2.95
C LEU F 47 -13.85 5.18 2.19
N ILE F 48 -15.14 5.35 2.41
CA ILE F 48 -15.98 6.30 1.70
C ILE F 48 -16.90 7.04 2.67
N TYR F 49 -17.05 8.34 2.46
CA TYR F 49 -18.02 9.17 3.18
C TYR F 49 -18.89 9.96 2.16
N SER F 50 -20.05 10.43 2.60
CA SER F 50 -21.00 11.12 1.72
C SER F 50 -21.28 10.32 0.48
N ALA F 51 -21.38 9.00 0.65
CA ALA F 51 -21.82 8.05 -0.37
C ALA F 51 -20.79 7.71 -1.45
N SER F 52 -20.01 8.71 -1.87
CA SER F 52 -19.15 8.56 -3.04
C SER F 52 -17.78 9.22 -2.91
N PHE F 53 -17.43 9.73 -1.74
CA PHE F 53 -16.13 10.39 -1.58
C PHE F 53 -15.13 9.39 -1.04
N LEU F 54 -14.03 9.22 -1.75
CA LEU F 54 -12.99 8.31 -1.33
C LEU F 54 -12.16 9.02 -0.28
N TYR F 55 -12.01 8.41 0.89
CA TYR F 55 -11.17 8.95 1.97
C TYR F 55 -9.68 8.89 1.61
N SER F 56 -8.90 9.83 2.14
CA SER F 56 -7.46 9.88 1.90
C SER F 56 -6.77 8.55 2.19
N GLY F 57 -5.92 8.12 1.28
CA GLY F 57 -5.15 6.91 1.48
C GLY F 57 -5.88 5.64 1.10
N VAL F 58 -7.17 5.77 0.78
CA VAL F 58 -7.91 4.58 0.42
C VAL F 58 -7.71 4.34 -1.08
N PRO F 59 -7.30 3.11 -1.44
CA PRO F 59 -7.00 2.77 -2.83
C PRO F 59 -8.19 3.02 -3.76
N SER F 60 -7.89 3.43 -4.99
CA SER F 60 -8.93 3.88 -5.91
C SER F 60 -9.82 2.75 -6.45
N ARG F 61 -9.46 1.51 -6.13
CA ARG F 61 -10.26 0.35 -6.53
C ARG F 61 -11.53 0.21 -5.70
N PHE F 62 -11.60 0.98 -4.62
CA PHE F 62 -12.84 1.15 -3.87
C PHE F 62 -13.57 2.36 -4.43
N SER F 63 -14.85 2.18 -4.73
CA SER F 63 -15.70 3.30 -5.11
C SER F 63 -17.09 3.15 -4.50
N GLY F 64 -17.74 4.28 -4.22
CA GLY F 64 -19.08 4.25 -3.65
C GLY F 64 -20.09 5.02 -4.49
N SER F 65 -21.33 4.55 -4.51
CA SER F 65 -22.39 5.19 -5.29
C SER F 65 -23.74 4.91 -4.63
N GLY F 66 -24.77 5.61 -5.11
CA GLY F 66 -26.11 5.52 -4.57
C GLY F 66 -26.60 6.80 -3.90
N SER F 67 -27.90 6.83 -3.61
CA SER F 67 -28.51 7.95 -2.91
C SER F 67 -29.87 7.50 -2.49
N GLY F 68 -30.50 8.24 -1.59
CA GLY F 68 -31.85 7.93 -1.18
C GLY F 68 -31.83 6.75 -0.23
N THR F 69 -32.21 5.58 -0.72
CA THR F 69 -32.26 4.42 0.14
C THR F 69 -31.46 3.26 -0.42
N ASP F 70 -30.67 3.49 -1.47
CA ASP F 70 -29.88 2.39 -2.10
C ASP F 70 -28.44 2.82 -2.33
N PHE F 71 -27.50 2.01 -1.87
CA PHE F 71 -26.08 2.37 -1.95
C PHE F 71 -25.25 1.14 -2.24
N THR F 72 -24.11 1.33 -2.89
CA THR F 72 -23.26 0.19 -3.22
C THR F 72 -21.81 0.55 -2.98
N LEU F 73 -21.08 -0.41 -2.45
CA LEU F 73 -19.63 -0.31 -2.34
C LEU F 73 -19.08 -1.23 -3.41
N THR F 74 -18.20 -0.71 -4.27
CA THR F 74 -17.61 -1.50 -5.36
C THR F 74 -16.12 -1.67 -5.17
N ILE F 75 -15.67 -2.92 -5.33
CA ILE F 75 -14.24 -3.26 -5.35
C ILE F 75 -13.95 -3.85 -6.72
N SER F 76 -13.22 -3.09 -7.55
CA SER F 76 -13.10 -3.44 -8.97
C SER F 76 -12.23 -4.67 -9.19
N SER F 77 -11.06 -4.67 -8.56
CA SER F 77 -10.18 -5.85 -8.64
C SER F 77 -9.79 -6.25 -7.20
N LEU F 78 -10.50 -7.24 -6.67
CA LEU F 78 -10.29 -7.67 -5.29
C LEU F 78 -8.85 -8.11 -5.05
N GLN F 79 -8.19 -7.47 -4.09
CA GLN F 79 -6.83 -7.87 -3.72
C GLN F 79 -6.85 -8.75 -2.45
N PRO F 80 -5.74 -9.44 -2.15
CA PRO F 80 -5.70 -10.26 -0.92
C PRO F 80 -5.91 -9.50 0.41
N GLU F 81 -5.55 -8.22 0.47
CA GLU F 81 -5.73 -7.47 1.73
C GLU F 81 -7.14 -6.88 1.88
N ASP F 82 -7.96 -7.04 0.84
CA ASP F 82 -9.32 -6.51 0.84
C ASP F 82 -10.29 -7.51 1.48
N PHE F 83 -9.75 -8.58 2.04
CA PHE F 83 -10.60 -9.59 2.64
C PHE F 83 -10.83 -9.29 4.12
N ALA F 84 -12.06 -8.93 4.44
CA ALA F 84 -12.43 -8.31 5.71
C ALA F 84 -13.95 -8.26 5.87
N THR F 85 -14.41 -7.49 6.86
CA THR F 85 -15.84 -7.22 6.98
C THR F 85 -16.12 -5.74 6.69
N TYR F 86 -17.14 -5.49 5.85
CA TYR F 86 -17.47 -4.13 5.42
C TYR F 86 -18.77 -3.67 6.04
N TYR F 87 -18.77 -2.44 6.59
CA TYR F 87 -19.98 -1.86 7.20
C TYR F 87 -20.36 -0.57 6.52
N CYS F 88 -21.66 -0.39 6.30
CA CYS F 88 -22.19 0.94 5.99
C CYS F 88 -22.75 1.57 7.24
N GLN F 89 -22.86 2.88 7.21
CA GLN F 89 -23.35 3.63 8.35
C GLN F 89 -24.02 4.87 7.80
N GLN F 90 -25.26 5.12 8.20
CA GLN F 90 -25.90 6.37 7.81
C GLN F 90 -25.56 7.43 8.83
N SER F 91 -25.37 8.65 8.34
CA SER F 91 -24.93 9.75 9.17
C SER F 91 -25.85 10.97 9.02
N THR F 92 -27.15 10.74 9.23
CA THR F 92 -28.17 11.79 9.19
C THR F 92 -28.24 12.42 10.59
N GLY F 93 -29.19 13.33 10.81
CA GLY F 93 -29.45 13.83 12.15
C GLY F 93 -30.09 12.77 13.03
N HIS F 94 -30.67 11.72 12.43
CA HIS F 94 -31.16 10.58 13.20
C HIS F 94 -29.98 9.89 13.88
N PRO F 95 -30.19 9.23 15.02
CA PRO F 95 -29.07 8.59 15.72
C PRO F 95 -28.31 7.63 14.79
N GLN F 96 -26.97 7.66 14.79
CA GLN F 96 -26.19 6.89 13.82
C GLN F 96 -26.46 5.39 13.92
N THR F 97 -26.68 4.75 12.77
CA THR F 97 -26.89 3.31 12.77
C THR F 97 -26.01 2.67 11.71
N PHE F 98 -25.60 1.43 11.95
CA PHE F 98 -24.76 0.67 11.02
C PHE F 98 -25.52 -0.48 10.38
N GLY F 99 -25.02 -0.95 9.24
CA GLY F 99 -25.54 -2.19 8.70
C GLY F 99 -24.94 -3.34 9.50
N GLN F 100 -25.48 -4.53 9.29
CA GLN F 100 -25.04 -5.68 10.08
C GLN F 100 -23.66 -6.18 9.63
N GLY F 101 -23.18 -5.70 8.47
CA GLY F 101 -21.86 -6.07 8.00
C GLY F 101 -21.87 -7.08 6.86
N THR F 102 -20.86 -7.00 5.99
CA THR F 102 -20.68 -7.98 4.90
C THR F 102 -19.29 -8.57 4.97
N LYS F 103 -19.19 -9.88 5.22
CA LYS F 103 -17.86 -10.45 5.34
C LYS F 103 -17.37 -11.04 4.02
N VAL F 104 -16.20 -10.58 3.58
CA VAL F 104 -15.59 -11.04 2.33
C VAL F 104 -14.48 -12.07 2.60
N GLU F 105 -14.70 -13.30 2.16
CA GLU F 105 -13.71 -14.39 2.28
C GLU F 105 -12.97 -14.57 0.96
N ILE F 106 -11.80 -15.20 1.01
CA ILE F 106 -11.03 -15.53 -0.20
C ILE F 106 -11.40 -16.90 -0.76
N LYS F 107 -11.70 -16.96 -2.05
CA LYS F 107 -11.90 -18.24 -2.72
C LYS F 107 -10.55 -18.80 -3.11
N ARG F 108 -10.38 -20.11 -2.96
CA ARG F 108 -9.19 -20.78 -3.45
C ARG F 108 -9.56 -22.21 -3.78
N THR F 109 -8.60 -23.01 -4.20
CA THR F 109 -8.91 -24.39 -4.53
C THR F 109 -9.19 -25.14 -3.25
N VAL F 110 -9.97 -26.21 -3.40
CA VAL F 110 -10.26 -27.07 -2.27
C VAL F 110 -8.96 -27.67 -1.72
N ALA F 111 -8.87 -27.76 -0.39
CA ALA F 111 -7.72 -28.40 0.25
C ALA F 111 -8.22 -29.22 1.44
N ALA F 112 -7.71 -30.44 1.54
CA ALA F 112 -8.16 -31.36 2.58
C ALA F 112 -7.52 -31.01 3.91
N PRO F 113 -8.27 -31.21 5.00
CA PRO F 113 -7.72 -31.04 6.35
C PRO F 113 -6.74 -32.16 6.70
N SER F 114 -5.66 -31.82 7.40
CA SER F 114 -4.87 -32.83 8.08
C SER F 114 -5.50 -32.99 9.45
N VAL F 115 -5.94 -34.20 9.78
CA VAL F 115 -6.63 -34.39 11.06
C VAL F 115 -5.68 -34.99 12.10
N PHE F 116 -5.71 -34.42 13.31
CA PHE F 116 -4.94 -34.98 14.42
C PHE F 116 -5.87 -35.11 15.62
N ILE F 117 -5.59 -36.07 16.49
CA ILE F 117 -6.33 -36.23 17.73
C ILE F 117 -5.38 -36.27 18.92
N PHE F 118 -5.79 -35.63 20.02
CA PHE F 118 -4.99 -35.60 21.22
C PHE F 118 -5.81 -36.07 22.40
N PRO F 119 -5.25 -37.00 23.17
CA PRO F 119 -5.86 -37.49 24.41
C PRO F 119 -5.61 -36.49 25.54
N PRO F 120 -6.43 -36.55 26.61
CA PRO F 120 -6.17 -35.67 27.76
C PRO F 120 -4.83 -35.97 28.42
N SER F 121 -4.11 -34.93 28.85
CA SER F 121 -2.86 -35.14 29.61
C SER F 121 -3.16 -35.82 30.94
N ASP F 122 -2.16 -36.43 31.56
CA ASP F 122 -2.39 -37.06 32.86
C ASP F 122 -2.48 -36.00 33.94
N GLU F 123 -1.78 -34.89 33.72
CA GLU F 123 -1.88 -33.70 34.58
C GLU F 123 -3.34 -33.27 34.68
N GLN F 124 -4.02 -33.17 33.53
CA GLN F 124 -5.41 -32.73 33.57
C GLN F 124 -6.29 -33.76 34.28
N LEU F 125 -5.92 -35.03 34.17
CA LEU F 125 -6.76 -36.08 34.74
C LEU F 125 -6.77 -36.01 36.27
N LYS F 126 -5.74 -35.41 36.86
CA LYS F 126 -5.71 -35.20 38.31
C LYS F 126 -6.79 -34.23 38.80
N SER F 127 -7.34 -33.42 37.90
CA SER F 127 -8.25 -32.35 38.27
C SER F 127 -9.73 -32.78 38.27
N GLY F 128 -10.03 -33.92 37.68
CA GLY F 128 -11.42 -34.38 37.62
C GLY F 128 -12.06 -34.24 36.24
N THR F 129 -11.27 -33.84 35.25
CA THR F 129 -11.81 -33.51 33.93
C THR F 129 -10.88 -33.98 32.79
N ALA F 130 -11.45 -34.42 31.67
CA ALA F 130 -10.64 -34.76 30.50
C ALA F 130 -11.02 -33.93 29.26
N SER F 131 -10.01 -33.36 28.61
CA SER F 131 -10.24 -32.67 27.35
C SER F 131 -9.64 -33.50 26.23
N VAL F 132 -10.43 -33.80 25.21
CA VAL F 132 -9.90 -34.49 24.05
C VAL F 132 -9.95 -33.51 22.90
N VAL F 133 -8.82 -33.33 22.23
CA VAL F 133 -8.71 -32.31 21.18
C VAL F 133 -8.51 -32.92 19.79
N CYS F 134 -9.31 -32.43 18.86
CA CYS F 134 -9.24 -32.84 17.48
C CYS F 134 -8.88 -31.63 16.63
N LEU F 135 -7.85 -31.78 15.81
CA LEU F 135 -7.30 -30.69 15.04
C LEU F 135 -7.48 -30.91 13.54
N LEU F 136 -8.15 -29.97 12.87
CA LEU F 136 -8.28 -29.98 11.41
C LEU F 136 -7.40 -28.89 10.87
N ASN F 137 -6.35 -29.25 10.17
CA ASN F 137 -5.32 -28.31 9.83
C ASN F 137 -5.27 -27.95 8.35
N ASN F 138 -5.29 -26.63 8.07
CA ASN F 138 -5.09 -26.08 6.73
C ASN F 138 -6.00 -26.64 5.63
N PHE F 139 -7.32 -26.40 5.75
CA PHE F 139 -8.31 -26.88 4.80
C PHE F 139 -9.09 -25.75 4.10
N TYR F 140 -9.78 -26.08 3.01
CA TYR F 140 -10.70 -25.16 2.34
C TYR F 140 -11.73 -25.94 1.50
N PRO F 141 -13.01 -25.54 1.58
CA PRO F 141 -13.62 -24.41 2.29
C PRO F 141 -13.68 -24.59 3.82
N ARG F 142 -14.24 -23.59 4.51
CA ARG F 142 -14.38 -23.61 5.97
C ARG F 142 -15.38 -24.65 6.42
N GLU F 143 -16.37 -24.93 5.59
CA GLU F 143 -17.42 -25.87 5.93
C GLU F 143 -16.83 -27.24 6.23
N ALA F 144 -17.13 -27.76 7.41
CA ALA F 144 -16.58 -29.02 7.88
C ALA F 144 -17.51 -29.57 8.93
N LYS F 145 -17.44 -30.87 9.15
CA LYS F 145 -18.29 -31.51 10.15
C LYS F 145 -17.42 -32.44 10.98
N VAL F 146 -17.49 -32.26 12.30
CA VAL F 146 -16.70 -33.06 13.21
C VAL F 146 -17.62 -33.85 14.14
N GLN F 147 -17.48 -35.17 14.10
CA GLN F 147 -18.26 -36.07 14.93
C GLN F 147 -17.37 -36.81 15.91
N TRP F 148 -17.67 -36.65 17.20
CA TRP F 148 -16.98 -37.39 18.25
C TRP F 148 -17.62 -38.74 18.47
N LYS F 149 -16.77 -39.75 18.59
CA LYS F 149 -17.24 -41.08 18.94
C LYS F 149 -16.43 -41.61 20.11
N VAL F 150 -17.15 -41.99 21.15
CA VAL F 150 -16.54 -42.60 22.32
C VAL F 150 -17.07 -44.03 22.46
N ASP F 151 -16.19 -45.01 22.19
CA ASP F 151 -16.62 -46.41 21.99
C ASP F 151 -17.76 -46.52 20.96
N ASN F 152 -17.56 -45.88 19.80
CA ASN F 152 -18.55 -45.83 18.72
C ASN F 152 -19.92 -45.29 19.16
N ALA F 153 -19.96 -44.58 20.28
CA ALA F 153 -21.17 -43.83 20.65
C ALA F 153 -21.04 -42.38 20.18
N LEU F 154 -22.04 -41.91 19.43
CA LEU F 154 -22.01 -40.53 18.94
C LEU F 154 -22.14 -39.60 20.12
N GLN F 155 -21.36 -38.52 20.16
CA GLN F 155 -21.49 -37.55 21.24
C GLN F 155 -22.30 -36.36 20.79
N SER F 156 -23.05 -35.78 21.73
CA SER F 156 -23.78 -34.55 21.45
C SER F 156 -23.76 -33.62 22.63
N GLY F 157 -23.49 -32.35 22.39
CA GLY F 157 -23.59 -31.34 23.43
C GLY F 157 -22.35 -31.16 24.30
N ASN F 158 -21.32 -31.99 24.12
CA ASN F 158 -20.13 -31.86 24.96
C ASN F 158 -18.87 -31.46 24.21
N SER F 159 -19.04 -30.75 23.09
CA SER F 159 -17.88 -30.31 22.32
C SER F 159 -17.98 -28.84 21.90
N GLN F 160 -16.83 -28.20 21.80
CA GLN F 160 -16.78 -26.83 21.31
C GLN F 160 -15.75 -26.70 20.21
N GLU F 161 -16.11 -25.97 19.15
CA GLU F 161 -15.23 -25.73 18.02
C GLU F 161 -14.70 -24.31 18.05
N SER F 162 -13.50 -24.13 17.54
CA SER F 162 -12.97 -22.80 17.31
C SER F 162 -12.24 -22.82 15.97
N VAL F 163 -12.44 -21.78 15.18
CA VAL F 163 -11.89 -21.73 13.83
C VAL F 163 -11.00 -20.53 13.69
N THR F 164 -9.84 -20.71 13.06
CA THR F 164 -8.94 -19.59 12.85
C THR F 164 -9.49 -18.69 11.75
N GLU F 165 -8.97 -17.47 11.68
CA GLU F 165 -9.29 -16.62 10.55
C GLU F 165 -8.61 -17.19 9.31
N GLN F 166 -9.03 -16.76 8.13
CA GLN F 166 -8.43 -17.26 6.92
C GLN F 166 -6.94 -16.90 6.87
N ASP F 167 -6.08 -17.90 6.63
CA ASP F 167 -4.65 -17.67 6.53
C ASP F 167 -4.29 -16.66 5.41
N SER F 168 -3.30 -15.82 5.69
CA SER F 168 -2.90 -14.80 4.72
C SER F 168 -2.11 -15.41 3.56
N LYS F 169 -1.29 -16.41 3.86
CA LYS F 169 -0.46 -17.06 2.85
C LYS F 169 -1.26 -17.98 1.91
N ASP F 170 -1.91 -19.00 2.48
CA ASP F 170 -2.54 -20.04 1.66
C ASP F 170 -4.06 -20.03 1.74
N SER F 171 -4.61 -19.05 2.44
CA SER F 171 -6.06 -18.83 2.49
C SER F 171 -6.85 -20.03 3.03
N THR F 172 -6.20 -20.86 3.83
CA THR F 172 -6.89 -21.99 4.44
C THR F 172 -7.32 -21.64 5.86
N TYR F 173 -8.24 -22.45 6.37
CA TYR F 173 -8.71 -22.39 7.74
C TYR F 173 -8.14 -23.55 8.56
N SER F 174 -8.03 -23.35 9.87
CA SER F 174 -7.78 -24.45 10.76
C SER F 174 -8.86 -24.44 11.81
N LEU F 175 -9.21 -25.63 12.28
CA LEU F 175 -10.29 -25.76 13.24
C LEU F 175 -9.85 -26.66 14.39
N SER F 176 -10.35 -26.36 15.58
CA SER F 176 -10.13 -27.26 16.71
C SER F 176 -11.48 -27.65 17.27
N SER F 177 -11.62 -28.92 17.62
CA SER F 177 -12.82 -29.39 18.31
C SER F 177 -12.36 -30.00 19.60
N THR F 178 -13.05 -29.63 20.67
CA THR F 178 -12.65 -30.00 22.00
C THR F 178 -13.79 -30.74 22.66
N LEU F 179 -13.53 -31.99 23.03
CA LEU F 179 -14.51 -32.82 23.71
C LEU F 179 -14.22 -32.82 25.21
N THR F 180 -15.22 -32.49 26.01
CA THR F 180 -14.99 -32.36 27.43
C THR F 180 -15.73 -33.40 28.25
N LEU F 181 -14.96 -34.16 29.03
CA LEU F 181 -15.51 -35.25 29.84
C LEU F 181 -15.06 -35.18 31.28
N SER F 182 -15.92 -35.60 32.20
CA SER F 182 -15.43 -35.88 33.55
C SER F 182 -14.38 -36.99 33.48
N LYS F 183 -13.44 -36.98 34.41
CA LYS F 183 -12.45 -38.04 34.49
C LYS F 183 -13.14 -39.39 34.54
N ALA F 184 -14.25 -39.46 35.27
CA ALA F 184 -14.94 -40.73 35.52
C ALA F 184 -15.49 -41.35 34.25
N ASP F 185 -16.14 -40.52 33.41
CA ASP F 185 -16.63 -41.01 32.12
C ASP F 185 -15.49 -41.41 31.21
N TYR F 186 -14.44 -40.59 31.18
CA TYR F 186 -13.30 -40.84 30.32
C TYR F 186 -12.69 -42.22 30.61
N GLU F 187 -12.78 -42.65 31.87
CA GLU F 187 -12.16 -43.91 32.25
C GLU F 187 -13.13 -45.10 32.11
N LYS F 188 -14.38 -44.80 31.77
CA LYS F 188 -15.39 -45.83 31.55
C LYS F 188 -15.36 -46.34 30.12
N HIS F 189 -14.43 -45.83 29.32
CA HIS F 189 -14.51 -46.01 27.88
C HIS F 189 -13.15 -46.11 27.24
N LYS F 190 -13.10 -46.71 26.06
CA LYS F 190 -11.83 -47.15 25.50
C LYS F 190 -11.43 -46.40 24.24
N VAL F 191 -12.36 -46.22 23.32
CA VAL F 191 -12.01 -45.72 22.00
C VAL F 191 -12.48 -44.27 21.79
N TYR F 192 -11.52 -43.37 21.59
CA TYR F 192 -11.84 -41.98 21.32
C TYR F 192 -11.46 -41.68 19.87
N ALA F 193 -12.46 -41.23 19.11
CA ALA F 193 -12.28 -41.06 17.69
C ALA F 193 -12.94 -39.78 17.22
N CYS F 194 -12.30 -39.17 16.22
CA CYS F 194 -12.78 -37.93 15.63
C CYS F 194 -13.06 -38.19 14.15
N GLU F 195 -14.29 -37.96 13.70
CA GLU F 195 -14.63 -38.22 12.31
C GLU F 195 -14.87 -36.91 11.57
N VAL F 196 -14.16 -36.73 10.47
CA VAL F 196 -14.12 -35.45 9.76
C VAL F 196 -14.72 -35.51 8.36
N THR F 197 -15.74 -34.69 8.13
CA THR F 197 -16.36 -34.59 6.82
C THR F 197 -15.95 -33.30 6.14
N HIS F 198 -15.45 -33.42 4.92
CA HIS F 198 -15.03 -32.25 4.18
C HIS F 198 -15.08 -32.49 2.67
N GLN F 199 -15.34 -31.43 1.92
CA GLN F 199 -15.33 -31.47 0.47
C GLN F 199 -14.10 -32.14 -0.09
N GLY F 200 -12.95 -31.86 0.51
CA GLY F 200 -11.70 -32.40 0.02
C GLY F 200 -11.46 -33.84 0.42
N LEU F 201 -12.47 -34.45 1.03
CA LEU F 201 -12.35 -35.84 1.44
C LEU F 201 -13.30 -36.75 0.69
N SER F 202 -12.75 -37.69 -0.09
CA SER F 202 -13.57 -38.63 -0.84
C SER F 202 -14.49 -39.38 0.12
N SER F 203 -13.94 -39.77 1.27
CA SER F 203 -14.71 -40.33 2.37
C SER F 203 -14.21 -39.76 3.70
N PRO F 204 -15.12 -39.60 4.69
CA PRO F 204 -14.81 -39.16 6.06
C PRO F 204 -13.60 -39.86 6.66
N VAL F 205 -12.64 -39.08 7.17
CA VAL F 205 -11.42 -39.63 7.75
C VAL F 205 -11.58 -39.67 9.27
N THR F 206 -11.19 -40.78 9.88
CA THR F 206 -11.36 -40.95 11.31
C THR F 206 -9.98 -41.10 11.97
N LYS F 207 -9.73 -40.23 12.95
CA LYS F 207 -8.49 -40.27 13.69
C LYS F 207 -8.83 -40.69 15.12
N SER F 208 -8.06 -41.60 15.70
CA SER F 208 -8.47 -42.17 16.99
C SER F 208 -7.35 -42.67 17.90
N PHE F 209 -7.71 -42.95 19.15
CA PHE F 209 -6.79 -43.52 20.12
C PHE F 209 -7.53 -44.34 21.15
N ASN F 210 -6.79 -45.27 21.74
CA ASN F 210 -7.30 -46.08 22.83
C ASN F 210 -6.78 -45.56 24.16
N ARG F 211 -7.68 -45.30 25.10
CA ARG F 211 -7.27 -44.80 26.41
C ARG F 211 -6.27 -45.75 27.05
N GLY F 212 -5.03 -45.30 27.19
CA GLY F 212 -4.01 -46.10 27.83
C GLY F 212 -2.83 -46.37 26.91
N GLU F 213 -3.10 -46.94 25.74
CA GLU F 213 -2.02 -47.32 24.82
C GLU F 213 -1.39 -46.09 24.17
N CYS F 214 -0.83 -45.22 25.01
CA CYS F 214 -0.22 -43.98 24.59
C CYS F 214 0.85 -43.56 25.59
#